data_2RK8
#
_entry.id   2RK8
#
_cell.length_a   62.251
_cell.length_b   119.470
_cell.length_c   86.870
_cell.angle_alpha   90.00
_cell.angle_beta   107.06
_cell.angle_gamma   90.00
#
_symmetry.space_group_name_H-M   'P 1 21 1'
#
loop_
_entity.id
_entity.type
_entity.pdbx_description
1 polymer 'Phosphoenolpyruvate carboxykinase, cytosolic [GTP]'
2 non-polymer 'MANGANESE (II) ION'
3 non-polymer 'SODIUM ION'
4 non-polymer 'PHOSPHONOFORMIC ACID'
5 non-polymer 'FORMIC ACID'
6 non-polymer DI(HYDROXYETHYL)ETHER
7 water water
#
_entity_poly.entity_id   1
_entity_poly.type   'polypeptide(L)'
_entity_poly.pdbx_seq_one_letter_code
;GSMPPQLHNGLDFSAKVIQGSLDSLPQEVRKFVEGNAQLCQPEYIHICDGSEEEYGRLLAHMQEEGVIRKLKKYDNCWLA
LTDPRDVARIESKTVIITQEQRDTVPIPKSGQSQLGRWMSEEDFEKAFNARFPGCMKGRTMYVIPFSMGPLGSPLAKIGI
ELTDSPYVVASMRIMTRMGTSVLEALGDGEFIKCLHSVGCPLPLKKPLVNNWACNPELTLIAHLPDRREIISFGSGYGGN
SLLGKKCFALRIASRLAKEEGWLAEHMLILGITNPEGKKKYLAAAFPSACGKTNLAMMNPTLPGWKVECVGDDIAWMKFD
AQGNLRAINPENGFFGVAPGTSVKTNPNAIKTIQKNTIFTNVAETSDGGVYWEGIDEPLAPGVTITSWKNKEWRPQDEEP
CAHPNSRFCTPASQCPIIDPAWESPEGVPIEGIIFGGRRPAGVPLVYEALSWQHGVFVGAAMRSEATAAAEHKGKVIMHD
PFAMRPFFGYNFGKYLAHWLSMAHRPAAKLPKIFHVNWFRKDKNGKFLWPGFGENSRVLEWMFGRIEGEDSAKLTPIGYV
PKEDALNLKGLGDVNVEELFGISKEFWEKEVEEIDKYLEDQVNADLPYEIERELRALKQRISQM
;
_entity_poly.pdbx_strand_id   A,B
#
# COMPACT_ATOMS: atom_id res chain seq x y z
N MET A 3 27.40 -15.45 32.73
CA MET A 3 27.25 -16.73 31.97
C MET A 3 27.92 -16.74 30.60
N PRO A 4 27.60 -15.74 29.73
CA PRO A 4 28.10 -15.86 28.36
C PRO A 4 29.62 -15.73 28.27
N PRO A 5 30.27 -16.59 27.45
CA PRO A 5 31.69 -16.40 27.19
C PRO A 5 31.91 -15.12 26.40
N GLN A 6 33.09 -14.53 26.54
CA GLN A 6 33.46 -13.32 25.80
C GLN A 6 34.97 -13.08 25.89
N LEU A 7 35.54 -12.51 24.85
CA LEU A 7 36.96 -12.14 24.86
C LEU A 7 37.16 -10.72 25.39
N HIS A 8 36.07 -9.95 25.40
CA HIS A 8 36.09 -8.59 25.91
C HIS A 8 34.99 -8.36 26.96
N ASN A 9 34.20 -7.30 26.81
CA ASN A 9 33.23 -6.92 27.86
C ASN A 9 31.86 -6.46 27.35
N GLY A 10 31.53 -6.80 26.11
CA GLY A 10 30.31 -6.30 25.49
C GLY A 10 29.27 -7.34 25.10
N LEU A 11 29.34 -8.51 25.73
CA LEU A 11 28.32 -9.54 25.50
C LEU A 11 27.49 -9.84 26.74
N ASP A 12 28.10 -9.74 27.91
CA ASP A 12 27.43 -9.91 29.20
C ASP A 12 26.80 -8.59 29.66
N PHE A 13 25.47 -8.55 29.65
CA PHE A 13 24.70 -7.36 30.04
C PHE A 13 24.30 -7.31 31.53
N SER A 14 24.89 -8.19 32.35
CA SER A 14 24.59 -8.20 33.79
C SER A 14 24.65 -6.81 34.44
N ALA A 15 25.66 -6.02 34.09
CA ALA A 15 25.88 -4.71 34.73
C ALA A 15 24.82 -3.64 34.38
N LYS A 16 24.00 -3.91 33.37
CA LYS A 16 22.96 -2.96 32.95
CA LYS A 16 22.97 -2.96 32.96
C LYS A 16 21.57 -3.35 33.47
N VAL A 17 21.50 -4.43 34.22
CA VAL A 17 20.26 -4.91 34.80
C VAL A 17 19.85 -4.04 36.01
N ILE A 18 18.70 -3.40 35.92
CA ILE A 18 18.20 -2.51 36.97
C ILE A 18 17.09 -3.11 37.83
N GLN A 19 16.55 -4.24 37.38
CA GLN A 19 15.65 -5.04 38.23
C GLN A 19 15.71 -6.50 37.83
N GLY A 20 15.79 -7.38 38.84
CA GLY A 20 15.92 -8.80 38.59
C GLY A 20 17.36 -9.19 38.35
N SER A 21 17.54 -10.34 37.73
CA SER A 21 18.86 -10.93 37.53
C SER A 21 18.86 -11.81 36.29
N LEU A 22 19.86 -11.62 35.43
CA LEU A 22 20.09 -12.52 34.30
C LEU A 22 20.46 -13.92 34.77
N ASP A 23 21.13 -13.98 35.93
CA ASP A 23 21.51 -15.24 36.57
C ASP A 23 20.30 -16.06 37.03
N SER A 24 19.24 -15.37 37.45
CA SER A 24 18.06 -16.07 37.96
C SER A 24 17.11 -16.52 36.83
N LEU A 25 17.30 -15.95 35.64
CA LEU A 25 16.52 -16.30 34.47
C LEU A 25 16.79 -17.72 33.98
N PRO A 26 15.75 -18.39 33.44
CA PRO A 26 15.95 -19.66 32.74
C PRO A 26 16.93 -19.44 31.58
N GLN A 27 17.73 -20.48 31.31
CA GLN A 27 18.79 -20.43 30.30
CA GLN A 27 18.79 -20.41 30.30
C GLN A 27 18.37 -19.74 29.00
N GLU A 28 17.33 -20.27 28.38
CA GLU A 28 16.85 -19.78 27.09
C GLU A 28 16.28 -18.35 27.16
N VAL A 29 15.75 -17.98 28.32
CA VAL A 29 15.27 -16.61 28.53
C VAL A 29 16.45 -15.63 28.56
N ARG A 30 17.49 -15.98 29.32
CA ARG A 30 18.71 -15.18 29.37
C ARG A 30 19.27 -14.92 27.96
N LYS A 31 19.43 -15.99 27.18
CA LYS A 31 19.97 -15.89 25.82
C LYS A 31 19.10 -15.02 24.92
N PHE A 32 17.78 -15.14 25.06
CA PHE A 32 16.85 -14.31 24.30
C PHE A 32 16.98 -12.82 24.65
N VAL A 33 16.99 -12.51 25.94
CA VAL A 33 17.16 -11.14 26.44
C VAL A 33 18.52 -10.56 26.03
N GLU A 34 19.58 -11.30 26.33
CA GLU A 34 20.96 -10.86 26.13
C GLU A 34 21.31 -10.70 24.65
N GLY A 35 20.87 -11.67 23.84
CA GLY A 35 21.09 -11.61 22.38
C GLY A 35 20.48 -10.37 21.75
N ASN A 36 19.28 -10.01 22.21
CA ASN A 36 18.59 -8.83 21.72
C ASN A 36 19.06 -7.53 22.35
N ALA A 37 19.57 -7.61 23.58
CA ALA A 37 20.29 -6.50 24.20
C ALA A 37 21.55 -6.16 23.40
N GLN A 38 22.29 -7.18 22.97
CA GLN A 38 23.47 -6.99 22.13
C GLN A 38 23.12 -6.27 20.81
N LEU A 39 21.95 -6.59 20.27
CA LEU A 39 21.49 -6.02 19.02
C LEU A 39 20.96 -4.59 19.17
N CYS A 40 20.00 -4.42 20.07
CA CYS A 40 19.28 -3.15 20.25
C CYS A 40 20.05 -2.12 21.07
N GLN A 41 21.05 -2.60 21.82
CA GLN A 41 21.90 -1.75 22.66
CA GLN A 41 21.90 -1.75 22.66
CA GLN A 41 21.90 -1.76 22.68
C GLN A 41 21.11 -0.86 23.65
N PRO A 42 20.21 -1.48 24.47
CA PRO A 42 19.53 -0.63 25.44
C PRO A 42 20.52 -0.11 26.49
N GLU A 43 20.18 0.98 27.16
CA GLU A 43 21.00 1.49 28.23
C GLU A 43 20.82 0.65 29.50
N TYR A 44 19.60 0.17 29.71
CA TYR A 44 19.26 -0.63 30.91
C TYR A 44 18.33 -1.79 30.57
N ILE A 45 18.34 -2.80 31.44
CA ILE A 45 17.42 -3.92 31.34
C ILE A 45 16.63 -4.04 32.64
N HIS A 46 15.31 -4.01 32.51
CA HIS A 46 14.39 -4.11 33.64
C HIS A 46 13.59 -5.39 33.47
N ILE A 47 13.83 -6.37 34.34
CA ILE A 47 13.06 -7.61 34.32
C ILE A 47 11.81 -7.37 35.15
N CYS A 48 10.65 -7.34 34.47
CA CYS A 48 9.37 -7.02 35.12
C CYS A 48 8.97 -8.09 36.12
N ASP A 49 8.49 -7.65 37.28
CA ASP A 49 8.04 -8.57 38.32
C ASP A 49 6.52 -8.63 38.47
N GLY A 50 5.82 -7.73 37.79
CA GLY A 50 4.35 -7.70 37.81
C GLY A 50 3.70 -7.12 39.04
N SER A 51 4.52 -6.59 39.96
CA SER A 51 4.02 -6.03 41.23
C SER A 51 3.26 -4.74 41.05
N GLU A 52 2.41 -4.42 42.03
CA GLU A 52 1.67 -3.15 42.07
C GLU A 52 2.62 -1.98 42.26
N GLU A 53 3.67 -2.21 43.06
CA GLU A 53 4.74 -1.22 43.28
C GLU A 53 5.40 -0.87 41.95
N GLU A 54 5.81 -1.89 41.20
CA GLU A 54 6.41 -1.68 39.88
C GLU A 54 5.49 -0.89 38.94
N TYR A 55 4.20 -1.23 38.96
CA TYR A 55 3.18 -0.61 38.12
C TYR A 55 3.00 0.89 38.41
N GLY A 56 2.79 1.22 39.68
CA GLY A 56 2.52 2.61 40.09
C GLY A 56 3.70 3.53 39.82
N ARG A 57 4.90 3.01 40.09
CA ARG A 57 6.16 3.71 39.89
C ARG A 57 6.44 4.01 38.42
N LEU A 58 6.10 3.07 37.55
CA LEU A 58 6.24 3.24 36.12
C LEU A 58 5.24 4.25 35.57
N LEU A 59 3.99 4.19 36.05
CA LEU A 59 2.98 5.18 35.70
C LEU A 59 3.38 6.58 36.15
N ALA A 60 3.85 6.69 37.39
CA ALA A 60 4.34 7.95 37.93
C ALA A 60 5.50 8.51 37.08
N HIS A 61 6.39 7.63 36.64
CA HIS A 61 7.52 8.02 35.77
C HIS A 61 7.07 8.54 34.41
N MET A 62 6.11 7.82 33.81
CA MET A 62 5.51 8.24 32.54
C MET A 62 4.82 9.60 32.70
N GLN A 63 4.19 9.81 33.85
CA GLN A 63 3.52 11.07 34.18
C GLN A 63 4.52 12.24 34.24
N GLU A 64 5.59 12.06 35.01
CA GLU A 64 6.60 13.11 35.14
CA GLU A 64 6.64 13.09 35.16
C GLU A 64 7.34 13.39 33.83
N GLU A 65 7.32 12.42 32.92
CA GLU A 65 7.92 12.56 31.59
C GLU A 65 6.99 13.16 30.54
N GLY A 66 5.72 13.35 30.90
CA GLY A 66 4.73 13.89 29.98
C GLY A 66 4.14 12.87 29.02
N VAL A 67 4.51 11.60 29.18
CA VAL A 67 4.03 10.50 28.33
C VAL A 67 2.55 10.15 28.60
N ILE A 68 2.13 10.22 29.87
CA ILE A 68 0.73 10.04 30.25
C ILE A 68 0.27 11.12 31.23
N ARG A 69 -1.04 11.22 31.42
CA ARG A 69 -1.63 12.05 32.47
C ARG A 69 -2.50 11.21 33.38
N LYS A 70 -2.50 11.55 34.66
CA LYS A 70 -3.44 10.96 35.61
C LYS A 70 -4.81 11.59 35.44
N LEU A 71 -5.85 10.75 35.46
CA LEU A 71 -7.23 11.23 35.41
C LEU A 71 -7.73 11.36 36.85
N LYS A 72 -7.82 12.62 37.30
CA LYS A 72 -8.03 12.94 38.72
C LYS A 72 -9.39 12.53 39.27
N LYS A 73 -10.40 12.47 38.40
CA LYS A 73 -11.76 12.10 38.80
C LYS A 73 -11.88 10.66 39.29
N TYR A 74 -11.00 9.78 38.79
CA TYR A 74 -11.13 8.33 39.00
C TYR A 74 -10.06 7.70 39.89
N ASP A 75 -10.27 6.43 40.26
CA ASP A 75 -9.29 5.68 41.05
C ASP A 75 -8.25 5.01 40.15
N ASN A 76 -7.02 5.50 40.21
CA ASN A 76 -5.87 4.92 39.48
C ASN A 76 -6.11 4.79 37.95
N CYS A 77 -6.64 5.83 37.35
CA CYS A 77 -6.89 5.86 35.91
C CYS A 77 -6.00 6.87 35.18
N TRP A 78 -5.65 6.55 33.94
CA TRP A 78 -4.61 7.28 33.22
C TRP A 78 -4.96 7.50 31.75
N LEU A 79 -4.42 8.56 31.16
CA LEU A 79 -4.69 8.90 29.78
C LEU A 79 -3.42 9.12 28.97
N ALA A 80 -3.30 8.39 27.86
CA ALA A 80 -2.23 8.61 26.89
C ALA A 80 -2.78 9.20 25.57
N LEU A 81 -2.06 10.17 25.03
CA LEU A 81 -2.37 10.71 23.71
C LEU A 81 -1.23 10.41 22.76
N THR A 82 -1.54 9.74 21.65
CA THR A 82 -0.53 9.31 20.70
C THR A 82 -0.27 10.36 19.61
N ASP A 83 0.83 10.15 18.89
CA ASP A 83 1.10 10.76 17.60
C ASP A 83 -0.08 10.34 16.69
N PRO A 84 -0.66 11.30 15.94
CA PRO A 84 -1.80 10.95 15.07
C PRO A 84 -1.46 9.92 13.98
N ARG A 85 -0.17 9.67 13.74
CA ARG A 85 0.27 8.67 12.77
C ARG A 85 0.26 7.23 13.32
N ASP A 86 0.07 7.09 14.62
CA ASP A 86 0.12 5.80 15.31
C ASP A 86 -1.16 5.59 16.15
N VAL A 87 -2.26 5.25 15.47
CA VAL A 87 -3.60 5.28 16.08
C VAL A 87 -4.44 4.00 15.93
N ALA A 88 -3.95 3.05 15.12
CA ALA A 88 -4.66 1.78 14.89
C ALA A 88 -3.72 0.71 14.35
N ARG A 89 -4.26 -0.47 14.08
CA ARG A 89 -3.51 -1.51 13.36
C ARG A 89 -3.26 -1.06 11.92
N ILE A 90 -2.16 -1.52 11.33
CA ILE A 90 -1.89 -1.32 9.91
C ILE A 90 -1.69 -2.67 9.24
N GLU A 91 -2.73 -3.14 8.57
CA GLU A 91 -2.75 -4.46 7.96
C GLU A 91 -1.70 -4.62 6.86
N SER A 92 -1.45 -3.53 6.14
CA SER A 92 -0.50 -3.53 5.03
C SER A 92 0.96 -3.64 5.47
N LYS A 93 1.20 -3.43 6.76
CA LYS A 93 2.56 -3.51 7.33
C LYS A 93 2.64 -4.65 8.33
N THR A 94 1.67 -5.56 8.24
CA THR A 94 1.60 -6.72 9.12
C THR A 94 1.85 -7.99 8.30
N VAL A 95 3.02 -8.58 8.51
CA VAL A 95 3.51 -9.65 7.64
C VAL A 95 3.76 -10.97 8.37
N ILE A 96 3.66 -12.08 7.65
CA ILE A 96 4.04 -13.39 8.18
C ILE A 96 5.13 -13.99 7.29
N ILE A 97 6.14 -14.58 7.93
CA ILE A 97 7.30 -15.10 7.22
C ILE A 97 7.26 -16.62 7.19
N THR A 98 7.23 -17.16 5.98
CA THR A 98 7.33 -18.61 5.76
C THR A 98 8.17 -18.87 4.52
N GLN A 99 8.71 -20.08 4.43
CA GLN A 99 9.50 -20.51 3.28
C GLN A 99 8.69 -20.38 1.99
N GLU A 100 7.48 -20.92 2.00
CA GLU A 100 6.57 -20.84 0.85
C GLU A 100 5.43 -19.88 1.15
N GLN A 101 5.14 -18.99 0.20
CA GLN A 101 4.06 -18.03 0.34
C GLN A 101 2.69 -18.71 0.57
N ARG A 102 2.50 -19.87 -0.06
CA ARG A 102 1.23 -20.58 -0.03
C ARG A 102 0.90 -21.16 1.36
N ASP A 103 1.91 -21.33 2.21
CA ASP A 103 1.66 -21.72 3.60
C ASP A 103 1.02 -20.58 4.39
N THR A 104 1.27 -19.34 3.94
CA THR A 104 0.79 -18.15 4.65
C THR A 104 -0.55 -17.64 4.10
N VAL A 105 -0.66 -17.59 2.78
CA VAL A 105 -1.88 -17.14 2.11
C VAL A 105 -2.13 -18.03 0.89
N PRO A 106 -3.41 -18.21 0.51
CA PRO A 106 -3.66 -18.83 -0.79
C PRO A 106 -3.13 -17.89 -1.88
N ILE A 107 -2.69 -18.45 -3.01
CA ILE A 107 -2.20 -17.60 -4.10
C ILE A 107 -3.40 -17.02 -4.86
N PRO A 108 -3.57 -15.69 -4.80
CA PRO A 108 -4.77 -15.15 -5.44
C PRO A 108 -4.63 -15.16 -6.94
N LYS A 109 -5.71 -15.51 -7.64
CA LYS A 109 -5.75 -15.45 -9.10
C LYS A 109 -5.47 -14.04 -9.61
N SER A 110 -6.00 -13.02 -8.93
CA SER A 110 -5.78 -11.63 -9.31
C SER A 110 -4.39 -11.10 -8.94
N GLY A 111 -3.71 -11.77 -8.02
CA GLY A 111 -2.33 -11.42 -7.69
C GLY A 111 -2.17 -10.56 -6.45
N GLN A 112 -3.28 -10.04 -5.94
CA GLN A 112 -3.25 -9.31 -4.66
C GLN A 112 -4.13 -9.99 -3.63
N SER A 113 -3.51 -10.46 -2.55
CA SER A 113 -4.22 -11.22 -1.52
C SER A 113 -4.91 -10.32 -0.51
N GLN A 114 -6.18 -10.60 -0.27
CA GLN A 114 -6.97 -9.92 0.74
C GLN A 114 -7.00 -10.73 2.05
N LEU A 115 -6.13 -11.74 2.14
CA LEU A 115 -6.20 -12.75 3.22
C LEU A 115 -4.95 -12.82 4.11
N GLY A 116 -4.09 -11.82 3.97
CA GLY A 116 -2.86 -11.78 4.74
C GLY A 116 -1.74 -11.23 3.88
N ARG A 117 -0.59 -11.05 4.49
CA ARG A 117 0.58 -10.49 3.81
CA ARG A 117 0.57 -10.53 3.78
C ARG A 117 1.79 -11.37 4.07
N TRP A 118 2.44 -11.81 3.00
CA TRP A 118 3.61 -12.66 3.11
C TRP A 118 4.87 -11.90 2.79
N MET A 119 5.94 -12.22 3.51
CA MET A 119 7.26 -11.69 3.22
C MET A 119 8.25 -12.83 3.33
N SER A 120 9.13 -12.95 2.33
CA SER A 120 10.20 -13.94 2.35
C SER A 120 11.16 -13.71 3.51
N GLU A 121 11.79 -14.79 3.98
CA GLU A 121 12.77 -14.70 5.06
C GLU A 121 13.97 -13.82 4.68
N GLU A 122 14.34 -13.85 3.39
CA GLU A 122 15.39 -12.99 2.85
C GLU A 122 15.02 -11.52 3.00
N ASP A 123 13.80 -11.17 2.57
CA ASP A 123 13.30 -9.80 2.66
C ASP A 123 13.19 -9.32 4.10
N PHE A 124 12.64 -10.17 4.98
CA PHE A 124 12.54 -9.79 6.38
C PHE A 124 13.89 -9.49 7.02
N GLU A 125 14.90 -10.32 6.74
CA GLU A 125 16.22 -10.10 7.33
CA GLU A 125 16.25 -10.12 7.29
C GLU A 125 16.75 -8.71 6.97
N LYS A 126 16.57 -8.30 5.72
CA LYS A 126 16.92 -6.96 5.27
C LYS A 126 16.14 -5.88 6.02
N ALA A 127 14.81 -6.06 6.10
CA ALA A 127 13.96 -5.15 6.86
C ALA A 127 14.37 -5.06 8.34
N PHE A 128 14.74 -6.19 8.91
CA PHE A 128 15.14 -6.30 10.32
C PHE A 128 16.47 -5.59 10.61
N ASN A 129 17.47 -5.86 9.77
CA ASN A 129 18.78 -5.20 9.84
C ASN A 129 18.70 -3.69 9.62
N ALA A 130 17.70 -3.25 8.86
CA ALA A 130 17.50 -1.83 8.58
C ALA A 130 16.70 -1.09 9.67
N ARG A 131 16.37 -1.81 10.76
CA ARG A 131 15.52 -1.26 11.81
C ARG A 131 16.09 -1.44 13.21
N PHE A 132 16.34 -2.69 13.60
CA PHE A 132 16.66 -3.03 14.99
C PHE A 132 18.07 -2.72 15.54
N PRO A 133 19.14 -2.89 14.73
CA PRO A 133 20.45 -2.57 15.31
C PRO A 133 20.52 -1.16 15.92
N GLY A 134 20.81 -1.11 17.22
CA GLY A 134 20.94 0.16 17.94
C GLY A 134 19.64 0.87 18.31
N CYS A 135 18.50 0.27 17.98
CA CYS A 135 17.18 0.93 18.13
C CYS A 135 16.78 1.35 19.55
N MET A 136 17.38 0.74 20.58
CA MET A 136 17.01 1.02 21.97
C MET A 136 18.06 1.84 22.72
N LYS A 137 19.02 2.40 21.97
CA LYS A 137 20.06 3.25 22.53
C LYS A 137 19.49 4.36 23.40
N GLY A 138 19.95 4.41 24.65
CA GLY A 138 19.54 5.41 25.62
C GLY A 138 18.26 5.08 26.35
N ARG A 139 17.70 3.89 26.08
CA ARG A 139 16.41 3.48 26.63
C ARG A 139 16.52 2.22 27.50
N THR A 140 15.46 1.95 28.25
CA THR A 140 15.36 0.74 29.05
C THR A 140 14.71 -0.36 28.21
N MET A 141 15.33 -1.53 28.16
CA MET A 141 14.64 -2.72 27.65
C MET A 141 13.91 -3.41 28.80
N TYR A 142 12.57 -3.37 28.76
CA TYR A 142 11.76 -4.11 29.72
C TYR A 142 11.56 -5.53 29.25
N VAL A 143 11.71 -6.50 30.17
CA VAL A 143 11.45 -7.90 29.87
C VAL A 143 10.15 -8.28 30.56
N ILE A 144 9.14 -8.60 29.75
CA ILE A 144 7.79 -8.90 30.24
C ILE A 144 7.53 -10.40 30.12
N PRO A 145 7.59 -11.13 31.25
CA PRO A 145 7.15 -12.50 31.20
C PRO A 145 5.63 -12.53 31.32
N PHE A 146 4.95 -13.13 30.36
CA PHE A 146 3.49 -13.09 30.34
C PHE A 146 2.87 -14.42 29.99
N SER A 147 1.69 -14.66 30.54
CA SER A 147 0.95 -15.89 30.32
C SER A 147 -0.38 -15.59 29.66
N MET A 148 -0.64 -16.28 28.55
CA MET A 148 -1.92 -16.21 27.86
C MET A 148 -2.82 -17.35 28.32
N GLY A 149 -3.90 -16.99 28.99
CA GLY A 149 -4.78 -17.97 29.61
C GLY A 149 -4.52 -17.98 31.10
N PRO A 150 -5.45 -18.58 31.87
CA PRO A 150 -5.30 -18.61 33.32
C PRO A 150 -4.27 -19.67 33.69
N LEU A 151 -3.28 -19.28 34.51
CA LEU A 151 -2.26 -20.23 34.97
C LEU A 151 -2.92 -21.54 35.40
N GLY A 152 -2.34 -22.65 34.99
CA GLY A 152 -2.88 -23.96 35.30
C GLY A 152 -3.74 -24.53 34.19
N SER A 153 -4.17 -23.67 33.25
CA SER A 153 -4.94 -24.15 32.12
C SER A 153 -4.06 -24.97 31.18
N PRO A 154 -4.53 -26.17 30.79
CA PRO A 154 -3.80 -26.96 29.79
C PRO A 154 -3.66 -26.19 28.47
N LEU A 155 -4.54 -25.21 28.27
CA LEU A 155 -4.50 -24.41 27.04
C LEU A 155 -3.71 -23.11 27.19
N ALA A 156 -3.04 -22.92 28.33
CA ALA A 156 -2.25 -21.70 28.59
C ALA A 156 -0.86 -21.72 27.95
N LYS A 157 -0.44 -20.56 27.44
CA LYS A 157 0.85 -20.45 26.75
C LYS A 157 1.60 -19.22 27.22
N ILE A 158 2.90 -19.38 27.48
CA ILE A 158 3.67 -18.26 28.00
CA ILE A 158 3.73 -18.31 28.03
C ILE A 158 4.59 -17.63 26.96
N GLY A 159 4.78 -16.32 27.09
CA GLY A 159 5.69 -15.59 26.22
C GLY A 159 6.62 -14.68 27.00
N ILE A 160 7.65 -14.21 26.34
CA ILE A 160 8.50 -13.13 26.84
C ILE A 160 8.44 -11.99 25.83
N GLU A 161 7.99 -10.82 26.25
CA GLU A 161 8.07 -9.63 25.41
C GLU A 161 9.15 -8.66 25.87
N LEU A 162 10.07 -8.35 24.96
CA LEU A 162 11.06 -7.32 25.17
C LEU A 162 10.50 -6.06 24.53
N THR A 163 10.55 -4.95 25.25
CA THR A 163 10.03 -3.67 24.73
C THR A 163 10.79 -2.48 25.32
N ASP A 164 10.89 -1.40 24.55
CA ASP A 164 11.43 -0.15 25.06
C ASP A 164 10.34 0.87 25.46
N SER A 165 9.09 0.40 25.53
CA SER A 165 7.95 1.25 25.85
C SER A 165 7.28 0.90 27.19
N PRO A 166 7.39 1.81 28.19
CA PRO A 166 6.69 1.71 29.47
C PRO A 166 5.17 1.57 29.31
N TYR A 167 4.61 2.24 28.30
CA TYR A 167 3.19 2.13 27.96
C TYR A 167 2.80 0.69 27.61
N VAL A 168 3.69 0.00 26.90
CA VAL A 168 3.47 -1.42 26.57
C VAL A 168 3.48 -2.25 27.85
N VAL A 169 4.43 -1.97 28.75
CA VAL A 169 4.53 -2.71 30.03
C VAL A 169 3.24 -2.60 30.83
N ALA A 170 2.81 -1.37 31.11
CA ALA A 170 1.59 -1.10 31.86
C ALA A 170 0.38 -1.84 31.29
N SER A 171 0.16 -1.69 29.99
CA SER A 171 -0.96 -2.31 29.28
C SER A 171 -0.90 -3.83 29.24
N MET A 172 0.31 -4.38 29.11
CA MET A 172 0.51 -5.83 29.17
C MET A 172 0.19 -6.38 30.56
N ARG A 173 0.39 -5.56 31.60
CA ARG A 173 0.01 -5.97 32.96
C ARG A 173 -1.51 -6.20 33.03
N ILE A 174 -2.26 -5.37 32.31
CA ILE A 174 -3.72 -5.44 32.28
C ILE A 174 -4.22 -6.57 31.37
N MET A 175 -3.59 -6.71 30.22
CA MET A 175 -4.12 -7.57 29.17
C MET A 175 -3.66 -9.01 29.24
N THR A 176 -2.58 -9.25 29.98
CA THR A 176 -2.06 -10.59 30.24
C THR A 176 -1.84 -10.80 31.74
N ARG A 177 -1.56 -12.05 32.13
CA ARG A 177 -1.00 -12.33 33.45
C ARG A 177 0.50 -12.15 33.33
N MET A 178 1.08 -11.20 34.06
CA MET A 178 2.51 -10.97 33.90
C MET A 178 3.29 -10.82 35.21
N GLY A 179 4.55 -11.26 35.18
CA GLY A 179 5.48 -11.05 36.29
C GLY A 179 6.26 -12.28 36.72
N THR A 180 6.81 -12.21 37.94
CA THR A 180 7.70 -13.24 38.47
C THR A 180 7.10 -14.65 38.47
N SER A 181 5.83 -14.78 38.87
CA SER A 181 5.20 -16.10 38.97
C SER A 181 5.12 -16.82 37.62
N VAL A 182 5.07 -16.04 36.54
CA VAL A 182 5.07 -16.58 35.18
C VAL A 182 6.43 -17.20 34.82
N LEU A 183 7.52 -16.51 35.18
CA LEU A 183 8.87 -17.04 34.99
C LEU A 183 9.08 -18.34 35.78
N GLU A 184 8.48 -18.39 36.97
CA GLU A 184 8.56 -19.57 37.83
C GLU A 184 7.75 -20.72 37.25
N ALA A 185 6.61 -20.39 36.63
CA ALA A 185 5.77 -21.39 35.95
C ALA A 185 6.45 -21.93 34.70
N LEU A 186 7.14 -21.05 33.97
CA LEU A 186 7.84 -21.40 32.73
C LEU A 186 8.96 -22.42 32.93
N GLY A 187 9.82 -22.18 33.91
CA GLY A 187 11.04 -22.97 34.12
C GLY A 187 11.90 -23.01 32.86
N ASP A 188 12.33 -24.22 32.49
CA ASP A 188 13.09 -24.39 31.26
C ASP A 188 12.20 -24.73 30.05
N GLY A 189 10.91 -24.39 30.13
CA GLY A 189 9.96 -24.68 29.04
C GLY A 189 10.03 -23.72 27.87
N GLU A 190 9.18 -23.96 26.88
CA GLU A 190 9.16 -23.10 25.70
CA GLU A 190 9.04 -23.16 25.65
C GLU A 190 8.31 -21.85 25.90
N PHE A 191 8.69 -20.80 25.18
CA PHE A 191 7.98 -19.52 25.22
C PHE A 191 8.03 -18.85 23.85
N ILE A 192 6.97 -18.15 23.49
CA ILE A 192 6.97 -17.32 22.29
C ILE A 192 7.90 -16.11 22.49
N LYS A 193 8.87 -15.98 21.58
CA LYS A 193 9.82 -14.87 21.61
CA LYS A 193 9.81 -14.87 21.62
C LYS A 193 9.20 -13.64 20.99
N CYS A 194 8.93 -12.62 21.81
CA CYS A 194 8.35 -11.38 21.32
C CYS A 194 9.29 -10.20 21.52
N LEU A 195 9.54 -9.47 20.44
CA LEU A 195 10.44 -8.33 20.46
C LEU A 195 9.74 -7.11 19.89
N HIS A 196 9.76 -6.03 20.66
CA HIS A 196 9.13 -4.79 20.23
C HIS A 196 10.02 -3.58 20.46
N SER A 197 10.03 -2.65 19.49
CA SER A 197 10.65 -1.35 19.70
C SER A 197 9.86 -0.24 18.99
N VAL A 198 9.77 0.92 19.65
CA VAL A 198 9.12 2.11 19.08
C VAL A 198 9.94 2.70 17.93
N GLY A 199 11.22 2.32 17.85
CA GLY A 199 12.08 2.70 16.73
C GLY A 199 12.64 4.10 16.80
N CYS A 200 12.85 4.57 18.03
CA CYS A 200 13.34 5.93 18.27
C CYS A 200 14.53 5.96 19.21
N PRO A 201 15.69 5.43 18.77
CA PRO A 201 16.89 5.46 19.60
C PRO A 201 17.24 6.91 19.98
N LEU A 202 17.82 7.08 21.16
CA LEU A 202 18.29 8.37 21.63
C LEU A 202 19.76 8.55 21.29
N PRO A 203 20.18 9.78 20.91
CA PRO A 203 19.36 11.00 20.78
C PRO A 203 18.42 10.93 19.57
N LEU A 204 17.23 11.51 19.74
CA LEU A 204 16.20 11.47 18.70
C LEU A 204 16.69 12.13 17.41
N LYS A 205 16.51 11.41 16.30
CA LYS A 205 16.90 11.92 14.99
C LYS A 205 15.74 12.63 14.32
N LYS A 206 14.52 12.31 14.74
CA LYS A 206 13.31 12.97 14.25
C LYS A 206 12.53 13.60 15.41
N PRO A 207 11.70 14.63 15.13
CA PRO A 207 10.91 15.29 16.17
C PRO A 207 9.92 14.36 16.88
N LEU A 208 9.73 14.57 18.17
CA LEU A 208 8.77 13.79 18.94
C LEU A 208 7.42 14.50 18.96
N VAL A 209 6.36 13.81 18.56
CA VAL A 209 5.03 14.39 18.51
C VAL A 209 4.18 13.92 19.69
N ASN A 210 3.66 14.89 20.44
CA ASN A 210 2.84 14.65 21.63
CA ASN A 210 2.84 14.65 21.63
C ASN A 210 3.47 13.66 22.62
N ASN A 211 4.80 13.73 22.74
CA ASN A 211 5.58 12.85 23.63
C ASN A 211 5.37 11.36 23.39
N TRP A 212 5.14 10.99 22.13
CA TRP A 212 4.82 9.61 21.77
C TRP A 212 5.83 9.10 20.75
N ALA A 213 6.79 8.32 21.24
CA ALA A 213 7.81 7.69 20.41
C ALA A 213 7.18 6.69 19.44
N CYS A 214 7.44 6.89 18.15
CA CYS A 214 7.01 5.97 17.10
C CYS A 214 7.81 6.24 15.82
N ASN A 215 7.82 5.26 14.92
CA ASN A 215 8.48 5.38 13.63
C ASN A 215 7.53 4.87 12.56
N PRO A 216 6.60 5.74 12.12
CA PRO A 216 5.55 5.35 11.17
C PRO A 216 6.08 4.82 9.84
N GLU A 217 7.10 5.49 9.29
CA GLU A 217 7.70 5.09 8.01
C GLU A 217 8.29 3.67 8.06
N LEU A 218 8.79 3.26 9.22
CA LEU A 218 9.44 1.95 9.35
C LEU A 218 8.59 0.90 10.09
N THR A 219 7.35 1.24 10.37
CA THR A 219 6.44 0.37 11.10
C THR A 219 6.29 -0.97 10.38
N LEU A 220 6.57 -2.04 11.11
CA LEU A 220 6.55 -3.39 10.57
C LEU A 220 6.21 -4.37 11.68
N ILE A 221 5.11 -5.12 11.52
CA ILE A 221 4.67 -6.07 12.53
C ILE A 221 4.79 -7.48 11.97
N ALA A 222 5.85 -8.19 12.35
CA ALA A 222 6.24 -9.43 11.69
C ALA A 222 6.05 -10.67 12.57
N HIS A 223 5.73 -11.80 11.93
CA HIS A 223 5.45 -13.05 12.61
C HIS A 223 6.25 -14.16 11.95
N LEU A 224 7.00 -14.90 12.75
CA LEU A 224 7.86 -15.97 12.24
C LEU A 224 7.56 -17.29 12.96
N PRO A 225 6.46 -17.96 12.53
CA PRO A 225 5.93 -19.16 13.20
C PRO A 225 6.92 -20.31 13.39
N ASP A 226 7.75 -20.57 12.37
CA ASP A 226 8.75 -21.63 12.45
C ASP A 226 9.77 -21.39 13.56
N ARG A 227 10.19 -20.13 13.70
CA ARG A 227 11.15 -19.72 14.73
C ARG A 227 10.50 -19.43 16.09
N ARG A 228 9.17 -19.46 16.13
CA ARG A 228 8.37 -19.05 17.31
C ARG A 228 8.72 -17.63 17.76
N GLU A 229 8.77 -16.70 16.80
CA GLU A 229 9.12 -15.31 17.06
C GLU A 229 8.08 -14.32 16.54
N ILE A 230 7.87 -13.24 17.28
CA ILE A 230 7.09 -12.08 16.83
C ILE A 230 8.00 -10.87 16.95
N ILE A 231 8.05 -10.05 15.90
CA ILE A 231 9.00 -8.95 15.84
C ILE A 231 8.30 -7.71 15.30
N SER A 232 8.14 -6.69 16.17
CA SER A 232 7.31 -5.54 15.85
C SER A 232 8.08 -4.24 16.04
N PHE A 233 8.06 -3.38 15.03
CA PHE A 233 8.86 -2.15 15.01
C PHE A 233 8.04 -0.91 14.63
N GLY A 234 8.23 0.19 15.36
CA GLY A 234 7.74 1.52 14.95
C GLY A 234 6.39 1.98 15.47
N SER A 235 5.64 1.09 16.10
CA SER A 235 4.31 1.44 16.59
C SER A 235 4.08 1.05 18.05
N GLY A 236 3.46 1.97 18.80
CA GLY A 236 3.12 1.75 20.18
C GLY A 236 1.67 1.36 20.42
N TYR A 237 0.83 1.52 19.39
CA TYR A 237 -0.59 1.18 19.48
C TYR A 237 -0.83 -0.28 19.86
N GLY A 238 -1.84 -0.49 20.69
CA GLY A 238 -2.21 -1.81 21.24
C GLY A 238 -2.04 -3.04 20.36
N GLY A 239 -2.77 -3.09 19.25
CA GLY A 239 -2.71 -4.24 18.35
C GLY A 239 -1.33 -4.52 17.75
N ASN A 240 -0.52 -3.47 17.61
CA ASN A 240 0.82 -3.57 17.03
C ASN A 240 1.90 -3.90 18.06
N SER A 241 1.64 -3.54 19.32
CA SER A 241 2.67 -3.50 20.36
C SER A 241 2.41 -4.48 21.52
N LEU A 242 1.15 -4.78 21.79
CA LEU A 242 0.80 -5.76 22.82
C LEU A 242 0.83 -7.13 22.16
N LEU A 243 2.01 -7.73 22.18
CA LEU A 243 2.31 -8.84 21.27
C LEU A 243 1.67 -10.18 21.62
N GLY A 244 1.12 -10.29 22.82
CA GLY A 244 0.40 -11.49 23.24
C GLY A 244 -0.99 -11.59 22.63
N LYS A 245 -1.53 -10.45 22.21
CA LYS A 245 -2.92 -10.31 21.78
C LYS A 245 -3.18 -10.82 20.35
N LYS A 246 -3.11 -9.93 19.36
CA LYS A 246 -3.33 -10.31 17.97
C LYS A 246 -2.18 -11.17 17.44
N CYS A 247 -0.95 -10.76 17.73
CA CYS A 247 0.24 -11.41 17.18
C CYS A 247 0.37 -12.87 17.61
N PHE A 248 0.31 -13.11 18.92
CA PHE A 248 0.44 -14.47 19.44
CA PHE A 248 0.45 -14.46 19.48
C PHE A 248 -0.87 -15.22 19.53
N ALA A 249 -1.84 -14.66 20.26
CA ALA A 249 -3.13 -15.33 20.53
C ALA A 249 -4.01 -15.59 19.32
N LEU A 250 -3.82 -14.82 18.24
CA LEU A 250 -4.47 -15.10 16.95
C LEU A 250 -3.55 -15.63 15.84
N ARG A 251 -2.56 -14.86 15.42
CA ARG A 251 -1.76 -15.23 14.23
C ARG A 251 -0.87 -16.47 14.47
N ILE A 252 -0.01 -16.39 15.47
CA ILE A 252 0.84 -17.52 15.83
C ILE A 252 0.00 -18.72 16.28
N ALA A 253 -0.99 -18.47 17.14
CA ALA A 253 -1.73 -19.54 17.78
C ALA A 253 -2.70 -20.26 16.84
N SER A 254 -3.23 -19.56 15.84
CA SER A 254 -4.12 -20.21 14.87
C SER A 254 -3.37 -21.28 14.06
N ARG A 255 -2.10 -21.00 13.79
CA ARG A 255 -1.26 -21.94 13.05
CA ARG A 255 -1.24 -21.93 13.05
C ARG A 255 -0.91 -23.14 13.93
N LEU A 256 -0.55 -22.88 15.18
CA LEU A 256 -0.32 -23.93 16.17
C LEU A 256 -1.57 -24.75 16.38
N ALA A 257 -2.72 -24.08 16.41
CA ALA A 257 -4.02 -24.71 16.59
C ALA A 257 -4.30 -25.73 15.49
N LYS A 258 -4.02 -25.33 14.25
CA LYS A 258 -4.24 -26.20 13.11
C LYS A 258 -3.33 -27.42 13.15
N GLU A 259 -2.10 -27.22 13.62
CA GLU A 259 -1.11 -28.28 13.77
C GLU A 259 -1.46 -29.26 14.89
N GLU A 260 -2.14 -28.76 15.92
CA GLU A 260 -2.36 -29.51 17.16
C GLU A 260 -3.82 -29.88 17.44
N GLY A 261 -4.72 -29.47 16.55
CA GLY A 261 -6.12 -29.91 16.57
C GLY A 261 -7.11 -29.09 17.40
N TRP A 262 -6.74 -27.85 17.70
CA TRP A 262 -7.64 -26.91 18.38
C TRP A 262 -7.89 -25.68 17.51
N LEU A 263 -8.47 -24.61 18.08
CA LEU A 263 -8.81 -23.41 17.31
C LEU A 263 -8.48 -22.16 18.10
N ALA A 264 -8.02 -21.12 17.39
CA ALA A 264 -7.75 -19.83 18.00
C ALA A 264 -8.46 -18.79 17.16
N GLU A 265 -9.43 -18.09 17.76
CA GLU A 265 -10.43 -17.37 17.01
C GLU A 265 -10.68 -15.98 17.55
N HIS A 266 -11.15 -15.10 16.66
CA HIS A 266 -11.51 -13.73 16.98
C HIS A 266 -12.95 -13.71 17.52
N MET A 267 -13.16 -14.43 18.63
CA MET A 267 -14.49 -14.63 19.23
C MET A 267 -14.57 -14.15 20.67
N LEU A 268 -15.68 -13.47 21.01
CA LEU A 268 -16.09 -13.28 22.40
C LEU A 268 -16.58 -14.62 22.96
N ILE A 269 -16.52 -14.78 24.28
CA ILE A 269 -17.20 -15.89 24.96
C ILE A 269 -18.13 -15.29 26.02
N LEU A 270 -19.39 -15.72 26.04
CA LEU A 270 -20.33 -15.29 27.07
C LEU A 270 -21.12 -16.47 27.60
N GLY A 271 -21.62 -16.33 28.83
CA GLY A 271 -22.53 -17.31 29.43
C GLY A 271 -23.89 -16.67 29.58
N ILE A 272 -24.92 -17.35 29.10
CA ILE A 272 -26.29 -16.84 29.20
C ILE A 272 -27.22 -17.78 29.97
N THR A 273 -27.95 -17.23 30.94
CA THR A 273 -28.90 -17.99 31.75
C THR A 273 -30.34 -17.55 31.45
N ASN A 274 -31.23 -18.53 31.29
CA ASN A 274 -32.62 -18.23 31.00
C ASN A 274 -33.50 -18.18 32.28
N PRO A 275 -34.79 -17.78 32.15
CA PRO A 275 -35.68 -17.78 33.31
C PRO A 275 -35.97 -19.17 33.89
N GLU A 276 -35.60 -20.23 33.18
CA GLU A 276 -35.81 -21.61 33.66
C GLU A 276 -34.59 -22.19 34.39
N GLY A 277 -33.61 -21.34 34.67
CA GLY A 277 -32.39 -21.74 35.40
C GLY A 277 -31.32 -22.47 34.60
N LYS A 278 -31.43 -22.43 33.28
CA LYS A 278 -30.46 -23.07 32.40
C LYS A 278 -29.43 -22.08 31.86
N LYS A 279 -28.16 -22.49 31.90
CA LYS A 279 -27.06 -21.68 31.41
C LYS A 279 -26.34 -22.34 30.23
N LYS A 280 -26.12 -21.54 29.18
CA LYS A 280 -25.35 -21.99 28.02
C LYS A 280 -24.25 -20.97 27.67
N TYR A 281 -23.13 -21.47 27.15
CA TYR A 281 -22.05 -20.58 26.71
C TYR A 281 -22.07 -20.45 25.20
N LEU A 282 -21.89 -19.22 24.74
CA LEU A 282 -21.87 -18.92 23.31
C LEU A 282 -20.58 -18.22 22.91
N ALA A 283 -20.12 -18.48 21.69
CA ALA A 283 -19.01 -17.73 21.13
C ALA A 283 -19.51 -16.90 19.93
N ALA A 284 -18.88 -15.75 19.70
CA ALA A 284 -19.29 -14.91 18.59
C ALA A 284 -18.10 -14.24 17.92
N ALA A 285 -18.02 -14.41 16.60
CA ALA A 285 -17.00 -13.77 15.79
C ALA A 285 -17.60 -12.63 15.00
N PHE A 286 -17.37 -11.41 15.49
CA PHE A 286 -17.67 -10.21 14.76
C PHE A 286 -16.35 -9.51 14.45
N PRO A 287 -16.30 -8.75 13.35
CA PRO A 287 -15.10 -7.98 13.04
C PRO A 287 -14.80 -6.94 14.13
N SER A 288 -13.62 -6.33 14.04
CA SER A 288 -13.23 -5.28 14.96
C SER A 288 -14.27 -4.16 14.95
N ALA A 289 -14.57 -3.65 16.15
CA ALA A 289 -15.49 -2.53 16.34
C ALA A 289 -16.88 -2.78 15.74
N CYS A 290 -17.38 -4.01 15.94
CA CYS A 290 -18.70 -4.40 15.43
C CYS A 290 -19.55 -5.06 16.52
N GLY A 291 -19.32 -4.65 17.76
CA GLY A 291 -20.23 -4.94 18.85
C GLY A 291 -19.92 -6.11 19.75
N LYS A 292 -18.72 -6.69 19.63
CA LYS A 292 -18.34 -7.84 20.47
CA LYS A 292 -18.34 -7.84 20.47
C LYS A 292 -18.40 -7.49 21.95
N THR A 293 -17.71 -6.42 22.33
CA THR A 293 -17.65 -5.99 23.73
C THR A 293 -19.05 -5.69 24.29
N ASN A 294 -19.89 -5.04 23.50
CA ASN A 294 -21.29 -4.80 23.88
C ASN A 294 -22.01 -6.10 24.17
N LEU A 295 -21.86 -7.09 23.27
CA LEU A 295 -22.57 -8.36 23.41
C LEU A 295 -22.03 -9.18 24.57
N ALA A 296 -20.71 -9.21 24.70
CA ALA A 296 -20.02 -10.03 25.70
C ALA A 296 -20.45 -9.69 27.13
N MET A 297 -20.72 -8.40 27.38
CA MET A 297 -21.09 -7.97 28.72
C MET A 297 -22.46 -7.29 28.73
N MET A 298 -23.30 -7.70 27.78
CA MET A 298 -24.65 -7.20 27.62
C MET A 298 -25.45 -7.18 28.92
N ASN A 299 -26.31 -6.16 29.01
CA ASN A 299 -27.34 -6.09 30.04
CA ASN A 299 -27.33 -6.11 30.04
C ASN A 299 -28.68 -6.45 29.40
N PRO A 300 -29.17 -7.70 29.61
CA PRO A 300 -30.40 -8.10 28.90
C PRO A 300 -31.61 -7.26 29.32
N THR A 301 -32.46 -6.93 28.34
CA THR A 301 -33.71 -6.21 28.62
C THR A 301 -34.82 -7.18 29.00
N LEU A 302 -34.68 -8.44 28.60
CA LEU A 302 -35.67 -9.47 28.92
C LEU A 302 -35.55 -9.92 30.37
N PRO A 303 -36.66 -9.81 31.13
CA PRO A 303 -36.70 -10.17 32.53
C PRO A 303 -36.32 -11.64 32.74
N GLY A 304 -35.51 -11.91 33.76
CA GLY A 304 -35.16 -13.29 34.10
C GLY A 304 -33.99 -13.86 33.31
N TRP A 305 -33.49 -13.09 32.34
CA TRP A 305 -32.29 -13.48 31.58
C TRP A 305 -31.05 -12.81 32.15
N LYS A 306 -29.95 -13.55 32.20
CA LYS A 306 -28.68 -13.04 32.66
CA LYS A 306 -28.67 -13.05 32.68
C LYS A 306 -27.56 -13.37 31.67
N VAL A 307 -26.69 -12.40 31.42
CA VAL A 307 -25.51 -12.59 30.58
C VAL A 307 -24.28 -12.33 31.46
N GLU A 308 -23.29 -13.22 31.34
CA GLU A 308 -22.02 -13.08 32.06
C GLU A 308 -20.87 -13.18 31.05
N CYS A 309 -19.78 -12.47 31.33
CA CYS A 309 -18.68 -12.31 30.37
C CYS A 309 -17.46 -13.19 30.67
N VAL A 310 -17.04 -13.99 29.69
CA VAL A 310 -15.80 -14.76 29.80
C VAL A 310 -14.66 -14.02 29.12
N GLY A 311 -14.93 -13.47 27.93
CA GLY A 311 -13.98 -12.64 27.20
C GLY A 311 -14.67 -11.89 26.08
N ASP A 312 -14.03 -10.86 25.56
CA ASP A 312 -14.66 -10.00 24.56
C ASP A 312 -13.94 -9.95 23.20
N ASP A 313 -12.90 -10.77 23.02
CA ASP A 313 -12.05 -10.64 21.85
C ASP A 313 -11.51 -11.96 21.26
N ILE A 314 -10.88 -12.78 22.10
CA ILE A 314 -10.19 -13.97 21.60
C ILE A 314 -10.62 -15.22 22.36
N ALA A 315 -10.81 -16.31 21.62
CA ALA A 315 -11.12 -17.61 22.21
C ALA A 315 -10.11 -18.67 21.75
N TRP A 316 -9.67 -19.50 22.70
CA TRP A 316 -8.89 -20.69 22.38
C TRP A 316 -9.78 -21.89 22.67
N MET A 317 -10.06 -22.71 21.66
CA MET A 317 -11.09 -23.73 21.78
C MET A 317 -10.61 -25.11 21.36
N LYS A 318 -11.13 -26.14 22.02
CA LYS A 318 -10.70 -27.52 21.78
C LYS A 318 -11.78 -28.51 22.18
N PHE A 319 -12.08 -29.45 21.29
CA PHE A 319 -12.96 -30.55 21.63
C PHE A 319 -12.28 -31.48 22.64
N ASP A 320 -12.94 -31.72 23.76
CA ASP A 320 -12.38 -32.61 24.76
C ASP A 320 -12.73 -34.07 24.47
N ALA A 321 -12.24 -34.98 25.32
CA ALA A 321 -12.50 -36.41 25.19
C ALA A 321 -14.01 -36.70 25.15
N GLN A 322 -14.78 -35.85 25.81
CA GLN A 322 -16.24 -35.97 25.89
C GLN A 322 -16.94 -35.40 24.66
N GLY A 323 -16.19 -34.72 23.81
CA GLY A 323 -16.73 -34.16 22.58
C GLY A 323 -17.26 -32.75 22.73
N ASN A 324 -17.16 -32.20 23.93
CA ASN A 324 -17.58 -30.82 24.16
C ASN A 324 -16.52 -29.85 23.63
N LEU A 325 -16.97 -28.81 22.97
CA LEU A 325 -16.06 -27.76 22.52
C LEU A 325 -15.80 -26.80 23.67
N ARG A 326 -14.62 -26.90 24.25
CA ARG A 326 -14.29 -26.16 25.47
C ARG A 326 -13.46 -24.94 25.14
N ALA A 327 -13.88 -23.79 25.65
CA ALA A 327 -13.22 -22.52 25.32
C ALA A 327 -12.68 -21.80 26.55
N ILE A 328 -11.49 -21.23 26.39
CA ILE A 328 -10.92 -20.30 27.36
C ILE A 328 -10.64 -18.95 26.74
N ASN A 329 -10.71 -17.93 27.58
CA ASN A 329 -10.21 -16.61 27.24
C ASN A 329 -8.72 -16.53 27.59
N PRO A 330 -7.84 -16.35 26.57
CA PRO A 330 -6.40 -16.22 26.79
C PRO A 330 -5.99 -14.88 27.39
N GLU A 331 -6.88 -13.89 27.34
CA GLU A 331 -6.57 -12.53 27.81
C GLU A 331 -6.93 -12.32 29.29
N ASN A 332 -6.42 -11.22 29.85
CA ASN A 332 -6.62 -10.88 31.26
C ASN A 332 -7.34 -9.54 31.43
N GLY A 333 -7.71 -8.93 30.30
CA GLY A 333 -8.33 -7.61 30.31
C GLY A 333 -9.15 -7.38 29.06
N PHE A 334 -9.76 -6.20 28.97
CA PHE A 334 -10.47 -5.78 27.77
C PHE A 334 -9.80 -4.54 27.18
N PHE A 335 -9.45 -4.63 25.90
CA PHE A 335 -8.89 -3.50 25.17
C PHE A 335 -10.00 -3.02 24.23
N GLY A 336 -10.98 -2.32 24.81
CA GLY A 336 -12.22 -2.02 24.11
C GLY A 336 -12.25 -0.65 23.45
N VAL A 337 -12.97 -0.55 22.35
CA VAL A 337 -13.23 0.72 21.66
C VAL A 337 -14.04 1.65 22.57
N ALA A 338 -13.57 2.89 22.74
CA ALA A 338 -14.20 3.84 23.65
C ALA A 338 -15.47 4.52 23.10
N PRO A 339 -15.37 5.25 21.96
CA PRO A 339 -16.56 5.96 21.46
C PRO A 339 -17.78 5.05 21.29
N GLY A 340 -18.95 5.56 21.68
CA GLY A 340 -20.18 4.76 21.63
C GLY A 340 -20.47 4.05 22.94
N THR A 341 -19.48 4.00 23.83
CA THR A 341 -19.65 3.39 25.15
C THR A 341 -20.38 4.35 26.09
N SER A 342 -21.53 3.90 26.59
CA SER A 342 -22.34 4.69 27.52
C SER A 342 -23.16 3.77 28.43
N VAL A 343 -23.84 4.38 29.41
CA VAL A 343 -24.79 3.69 30.28
C VAL A 343 -25.87 3.01 29.43
N LYS A 344 -26.18 3.62 28.29
CA LYS A 344 -27.22 3.15 27.38
C LYS A 344 -26.78 1.92 26.56
N THR A 345 -25.57 1.98 26.04
CA THR A 345 -25.08 0.94 25.13
C THR A 345 -24.33 -0.18 25.85
N ASN A 346 -23.65 0.16 26.95
CA ASN A 346 -22.82 -0.81 27.66
C ASN A 346 -22.55 -0.42 29.11
N PRO A 347 -23.58 -0.52 29.98
CA PRO A 347 -23.46 -0.14 31.40
C PRO A 347 -22.41 -0.93 32.19
N ASN A 348 -22.25 -2.22 31.89
CA ASN A 348 -21.27 -3.05 32.59
C ASN A 348 -19.82 -2.65 32.31
N ALA A 349 -19.58 -2.15 31.10
CA ALA A 349 -18.27 -1.60 30.72
C ALA A 349 -17.99 -0.31 31.47
N ILE A 350 -19.01 0.54 31.59
CA ILE A 350 -18.90 1.80 32.32
C ILE A 350 -18.46 1.55 33.75
N LYS A 351 -19.05 0.54 34.39
CA LYS A 351 -18.69 0.17 35.76
C LYS A 351 -17.28 -0.43 35.87
N THR A 352 -16.81 -1.05 34.79
CA THR A 352 -15.49 -1.67 34.75
C THR A 352 -14.36 -0.63 34.66
N ILE A 353 -14.56 0.41 33.86
CA ILE A 353 -13.49 1.32 33.45
C ILE A 353 -13.25 2.52 34.38
N GLN A 354 -13.97 2.54 35.51
CA GLN A 354 -13.87 3.61 36.50
C GLN A 354 -12.62 3.51 37.37
N LYS A 355 -11.95 2.36 37.35
CA LYS A 355 -10.74 2.17 38.15
C LYS A 355 -9.66 1.34 37.45
N ASN A 356 -8.41 1.60 37.81
CA ASN A 356 -7.25 0.84 37.31
C ASN A 356 -7.23 0.65 35.79
N THR A 357 -7.62 1.70 35.07
CA THR A 357 -7.85 1.63 33.64
C THR A 357 -7.01 2.65 32.90
N ILE A 358 -6.40 2.22 31.79
CA ILE A 358 -5.61 3.11 30.94
C ILE A 358 -6.42 3.46 29.70
N PHE A 359 -6.59 4.76 29.48
CA PHE A 359 -7.30 5.28 28.32
C PHE A 359 -6.29 5.81 27.33
N THR A 360 -6.58 5.64 26.04
CA THR A 360 -5.69 6.10 25.00
C THR A 360 -6.52 6.85 23.97
N ASN A 361 -6.13 8.10 23.71
CA ASN A 361 -6.72 8.95 22.68
C ASN A 361 -8.18 9.37 22.88
N VAL A 362 -8.64 9.37 24.13
CA VAL A 362 -9.97 9.94 24.47
C VAL A 362 -9.81 11.38 24.94
N ALA A 363 -10.93 12.11 25.02
CA ALA A 363 -10.93 13.48 25.52
C ALA A 363 -10.83 13.52 27.03
N GLU A 364 -10.35 14.64 27.55
CA GLU A 364 -10.27 14.86 28.99
C GLU A 364 -11.11 16.06 29.37
N THR A 365 -11.92 15.88 30.41
CA THR A 365 -12.72 16.97 30.97
C THR A 365 -11.92 17.68 32.06
N SER A 366 -12.27 18.94 32.32
CA SER A 366 -11.50 19.79 33.23
C SER A 366 -11.47 19.32 34.68
N ASP A 367 -12.41 18.47 35.06
CA ASP A 367 -12.41 17.88 36.40
C ASP A 367 -11.68 16.52 36.45
N GLY A 368 -10.94 16.22 35.40
CA GLY A 368 -10.09 15.02 35.35
C GLY A 368 -10.79 13.74 34.94
N GLY A 369 -11.90 13.86 34.22
CA GLY A 369 -12.65 12.71 33.73
C GLY A 369 -12.41 12.44 32.25
N VAL A 370 -13.04 11.39 31.73
CA VAL A 370 -12.88 11.02 30.32
C VAL A 370 -14.12 11.40 29.50
N TYR A 371 -13.92 11.64 28.21
CA TYR A 371 -15.03 11.97 27.32
C TYR A 371 -14.82 11.41 25.90
N TRP A 372 -15.93 11.03 25.26
CA TRP A 372 -15.90 10.59 23.86
C TRP A 372 -17.26 10.74 23.19
N GLU A 373 -17.27 10.61 21.87
CA GLU A 373 -18.51 10.60 21.09
C GLU A 373 -19.38 9.43 21.51
N GLY A 374 -20.64 9.73 21.84
CA GLY A 374 -21.59 8.69 22.23
C GLY A 374 -21.59 8.31 23.71
N ILE A 375 -20.85 9.07 24.53
CA ILE A 375 -20.79 8.80 25.97
C ILE A 375 -22.14 9.07 26.67
N ASP A 376 -22.96 9.93 26.05
CA ASP A 376 -24.35 10.18 26.46
C ASP A 376 -24.49 10.61 27.92
N GLU A 377 -23.49 11.37 28.40
CA GLU A 377 -23.53 11.99 29.72
C GLU A 377 -23.29 13.49 29.52
N PRO A 378 -24.26 14.33 29.93
CA PRO A 378 -24.02 15.77 29.95
C PRO A 378 -23.05 16.17 31.06
N LEU A 379 -22.33 17.25 30.84
CA LEU A 379 -21.39 17.78 31.82
C LEU A 379 -21.98 19.01 32.47
N ALA A 380 -21.62 19.24 33.74
CA ALA A 380 -22.05 20.45 34.44
C ALA A 380 -21.54 21.70 33.71
N PRO A 381 -22.32 22.79 33.74
CA PRO A 381 -21.83 24.06 33.20
C PRO A 381 -20.49 24.47 33.83
N GLY A 382 -19.56 24.92 33.00
CA GLY A 382 -18.21 25.24 33.47
C GLY A 382 -17.18 24.18 33.12
N VAL A 383 -17.60 22.92 33.08
CA VAL A 383 -16.71 21.83 32.70
C VAL A 383 -16.31 21.96 31.22
N THR A 384 -15.01 21.99 30.99
CA THR A 384 -14.46 22.14 29.64
C THR A 384 -13.86 20.82 29.16
N ILE A 385 -13.55 20.74 27.87
CA ILE A 385 -13.05 19.53 27.25
C ILE A 385 -11.74 19.76 26.49
N THR A 386 -10.73 18.94 26.81
CA THR A 386 -9.50 18.88 26.04
C THR A 386 -9.61 17.66 25.15
N SER A 387 -9.43 17.84 23.85
CA SER A 387 -9.55 16.74 22.89
C SER A 387 -8.33 15.80 22.95
N TRP A 388 -8.40 14.72 22.17
CA TRP A 388 -7.29 13.77 22.06
C TRP A 388 -6.06 14.37 21.37
N LYS A 389 -6.23 15.53 20.76
CA LYS A 389 -5.16 16.27 20.09
C LYS A 389 -4.53 17.31 21.02
N ASN A 390 -4.93 17.28 22.29
CA ASN A 390 -4.45 18.20 23.35
C ASN A 390 -4.79 19.68 23.06
N LYS A 391 -6.01 19.90 22.57
CA LYS A 391 -6.52 21.23 22.26
C LYS A 391 -7.85 21.40 22.97
N GLU A 392 -8.26 22.65 23.18
CA GLU A 392 -9.59 22.93 23.75
C GLU A 392 -10.66 22.62 22.72
N TRP A 393 -11.63 21.80 23.13
CA TRP A 393 -12.66 21.28 22.23
C TRP A 393 -14.06 21.70 22.66
N ARG A 394 -14.88 22.07 21.68
CA ARG A 394 -16.29 22.37 21.90
C ARG A 394 -17.13 21.57 20.90
N PRO A 395 -18.35 21.15 21.31
CA PRO A 395 -19.28 20.39 20.45
C PRO A 395 -19.38 20.83 18.98
N GLN A 396 -19.15 22.11 18.70
CA GLN A 396 -19.29 22.65 17.34
C GLN A 396 -18.00 22.60 16.49
N ASP A 397 -17.00 21.86 16.96
CA ASP A 397 -15.67 21.88 16.36
C ASP A 397 -15.46 21.02 15.11
N GLU A 398 -16.56 20.47 14.57
CA GLU A 398 -16.52 19.66 13.34
C GLU A 398 -15.88 18.28 13.55
N GLU A 399 -14.68 18.26 14.11
CA GLU A 399 -13.95 17.01 14.37
C GLU A 399 -14.29 16.45 15.76
N PRO A 400 -14.11 15.12 15.94
CA PRO A 400 -14.44 14.51 17.23
C PRO A 400 -13.47 14.88 18.36
N CYS A 401 -13.97 14.89 19.59
CA CYS A 401 -13.16 15.12 20.77
C CYS A 401 -12.23 13.93 21.05
N ALA A 402 -12.68 12.74 20.66
CA ALA A 402 -11.89 11.52 20.80
C ALA A 402 -11.62 10.88 19.44
N HIS A 403 -10.45 10.27 19.29
CA HIS A 403 -10.16 9.53 18.08
C HIS A 403 -11.16 8.38 17.93
N PRO A 404 -11.65 8.13 16.69
CA PRO A 404 -12.60 7.04 16.46
C PRO A 404 -12.16 5.66 16.95
N ASN A 405 -10.86 5.40 16.97
CA ASN A 405 -10.33 4.12 17.46
C ASN A 405 -9.68 4.24 18.84
N SER A 406 -10.08 5.24 19.62
CA SER A 406 -9.59 5.42 20.98
C SER A 406 -10.02 4.25 21.86
N ARG A 407 -9.26 4.00 22.92
CA ARG A 407 -9.46 2.77 23.70
C ARG A 407 -9.48 2.94 25.20
N PHE A 408 -10.09 1.98 25.86
CA PHE A 408 -9.84 1.74 27.26
C PHE A 408 -9.13 0.39 27.36
N CYS A 409 -8.25 0.27 28.34
CA CYS A 409 -7.57 -0.97 28.58
C CYS A 409 -7.80 -1.25 30.06
N THR A 410 -8.63 -2.24 30.35
CA THR A 410 -9.21 -2.42 31.68
C THR A 410 -9.14 -3.88 32.19
N PRO A 411 -8.89 -4.07 33.50
CA PRO A 411 -8.86 -5.43 34.09
C PRO A 411 -10.19 -6.17 33.97
N ALA A 412 -10.13 -7.43 33.51
CA ALA A 412 -11.33 -8.24 33.30
C ALA A 412 -11.99 -8.61 34.62
N SER A 413 -11.18 -8.82 35.64
CA SER A 413 -11.65 -9.13 36.98
C SER A 413 -12.62 -8.07 37.53
N GLN A 414 -12.55 -6.86 36.97
CA GLN A 414 -13.37 -5.72 37.44
C GLN A 414 -14.77 -5.65 36.85
N CYS A 415 -14.99 -6.37 35.74
CA CYS A 415 -16.31 -6.47 35.13
C CYS A 415 -17.32 -7.01 36.15
N PRO A 416 -18.42 -6.27 36.39
CA PRO A 416 -19.34 -6.71 37.44
C PRO A 416 -20.04 -8.03 37.12
N ILE A 417 -20.07 -8.39 35.84
CA ILE A 417 -20.71 -9.64 35.40
C ILE A 417 -19.69 -10.61 34.81
N ILE A 418 -18.44 -10.49 35.22
CA ILE A 418 -17.41 -11.45 34.80
C ILE A 418 -17.88 -12.83 35.26
N ASP A 419 -17.77 -13.80 34.35
CA ASP A 419 -18.28 -15.13 34.57
C ASP A 419 -17.50 -15.84 35.67
N PRO A 420 -18.20 -16.61 36.53
CA PRO A 420 -17.52 -17.36 37.59
C PRO A 420 -16.47 -18.35 37.06
N ALA A 421 -16.62 -18.76 35.80
CA ALA A 421 -15.71 -19.72 35.18
C ALA A 421 -14.71 -19.12 34.19
N TRP A 422 -14.59 -17.79 34.15
CA TRP A 422 -13.73 -17.11 33.17
C TRP A 422 -12.25 -17.44 33.30
N GLU A 423 -11.87 -18.03 34.43
CA GLU A 423 -10.48 -18.43 34.67
C GLU A 423 -10.33 -19.93 34.91
N SER A 424 -11.42 -20.68 34.70
CA SER A 424 -11.39 -22.12 34.91
C SER A 424 -10.46 -22.81 33.91
N PRO A 425 -9.51 -23.64 34.42
CA PRO A 425 -8.52 -24.34 33.58
C PRO A 425 -9.13 -25.21 32.46
N GLU A 426 -10.32 -25.76 32.69
CA GLU A 426 -10.95 -26.65 31.71
C GLU A 426 -11.72 -25.93 30.58
N GLY A 427 -11.91 -24.63 30.73
CA GLY A 427 -12.69 -23.87 29.76
C GLY A 427 -14.18 -24.04 30.01
N VAL A 428 -14.97 -23.43 29.15
CA VAL A 428 -16.43 -23.51 29.21
C VAL A 428 -16.95 -24.17 27.93
N PRO A 429 -18.06 -24.93 28.02
CA PRO A 429 -18.54 -25.63 26.84
C PRO A 429 -19.39 -24.75 25.93
N ILE A 430 -18.93 -24.59 24.68
CA ILE A 430 -19.59 -23.71 23.70
C ILE A 430 -20.68 -24.49 22.98
N GLU A 431 -21.90 -23.99 23.05
CA GLU A 431 -23.04 -24.67 22.46
C GLU A 431 -23.56 -23.98 21.21
N GLY A 432 -23.06 -22.78 20.95
CA GLY A 432 -23.49 -21.99 19.81
C GLY A 432 -22.41 -21.02 19.38
N ILE A 433 -22.23 -20.90 18.07
CA ILE A 433 -21.24 -20.00 17.50
C ILE A 433 -21.99 -19.02 16.62
N ILE A 434 -21.71 -17.72 16.80
CA ILE A 434 -22.42 -16.67 16.10
C ILE A 434 -21.48 -15.89 15.18
N PHE A 435 -21.89 -15.76 13.92
CA PHE A 435 -21.16 -14.90 12.99
C PHE A 435 -21.98 -13.64 12.75
N GLY A 436 -21.32 -12.57 12.35
CA GLY A 436 -22.03 -11.34 12.01
C GLY A 436 -21.14 -10.16 11.75
N GLY A 437 -21.70 -9.15 11.06
CA GLY A 437 -20.98 -7.93 10.79
C GLY A 437 -21.95 -6.79 10.51
N ARG A 438 -21.40 -5.69 9.99
CA ARG A 438 -22.22 -4.53 9.65
C ARG A 438 -22.67 -4.66 8.21
N ARG A 439 -23.93 -5.00 8.00
CA ARG A 439 -24.52 -5.00 6.66
C ARG A 439 -25.73 -4.07 6.67
N PRO A 440 -25.64 -2.90 5.98
CA PRO A 440 -26.74 -1.95 5.97
C PRO A 440 -27.97 -2.44 5.20
N ALA A 441 -27.79 -3.46 4.37
CA ALA A 441 -28.87 -3.95 3.52
C ALA A 441 -28.85 -5.46 3.28
N GLY A 442 -30.04 -6.04 3.07
CA GLY A 442 -30.19 -7.42 2.57
C GLY A 442 -30.11 -8.59 3.55
N VAL A 443 -29.23 -8.50 4.53
CA VAL A 443 -29.04 -9.58 5.52
C VAL A 443 -29.99 -9.41 6.72
N PRO A 444 -30.90 -10.39 6.93
CA PRO A 444 -31.87 -10.38 8.03
C PRO A 444 -31.23 -10.37 9.41
N LEU A 445 -32.04 -10.06 10.42
CA LEU A 445 -31.60 -9.92 11.80
C LEU A 445 -30.87 -11.16 12.34
N VAL A 446 -31.37 -12.35 12.01
CA VAL A 446 -30.79 -13.59 12.51
C VAL A 446 -31.18 -14.79 11.64
N TYR A 447 -30.18 -15.59 11.28
CA TYR A 447 -30.48 -16.87 10.70
C TYR A 447 -29.56 -17.95 11.22
N GLU A 448 -29.97 -19.19 11.02
CA GLU A 448 -29.28 -20.36 11.51
C GLU A 448 -28.83 -21.22 10.34
N ALA A 449 -27.56 -21.63 10.39
CA ALA A 449 -26.98 -22.50 9.37
C ALA A 449 -27.66 -23.87 9.32
N LEU A 450 -27.67 -24.46 8.13
CA LEU A 450 -28.38 -25.71 7.84
C LEU A 450 -27.62 -26.95 8.27
N SER A 451 -26.31 -26.78 8.49
CA SER A 451 -25.43 -27.88 8.85
C SER A 451 -24.09 -27.29 9.26
N TRP A 452 -23.18 -28.13 9.74
CA TRP A 452 -21.81 -27.70 10.04
C TRP A 452 -21.14 -27.11 8.80
N GLN A 453 -21.25 -27.83 7.68
CA GLN A 453 -20.60 -27.45 6.43
CA GLN A 453 -20.62 -27.44 6.41
C GLN A 453 -21.15 -26.10 5.92
N HIS A 454 -22.47 -25.93 6.00
CA HIS A 454 -23.09 -24.65 5.65
C HIS A 454 -22.65 -23.57 6.64
N GLY A 455 -22.53 -23.95 7.91
CA GLY A 455 -22.05 -23.03 8.94
C GLY A 455 -20.64 -22.52 8.68
N VAL A 456 -19.77 -23.39 8.18
CA VAL A 456 -18.41 -22.98 7.81
C VAL A 456 -18.44 -22.04 6.60
N PHE A 457 -19.34 -22.32 5.64
CA PHE A 457 -19.55 -21.43 4.49
C PHE A 457 -20.02 -20.04 4.91
N VAL A 458 -20.95 -19.98 5.87
CA VAL A 458 -21.50 -18.72 6.38
C VAL A 458 -20.34 -17.88 6.96
N GLY A 459 -19.51 -18.52 7.77
CA GLY A 459 -18.31 -17.86 8.31
C GLY A 459 -17.42 -17.35 7.21
N ALA A 460 -17.14 -18.21 6.23
CA ALA A 460 -16.29 -17.89 5.08
C ALA A 460 -16.82 -16.74 4.22
N ALA A 461 -18.15 -16.58 4.19
CA ALA A 461 -18.81 -15.60 3.33
C ALA A 461 -19.00 -14.24 4.00
N MET A 462 -18.62 -14.12 5.26
CA MET A 462 -18.85 -12.90 6.05
C MET A 462 -18.32 -11.65 5.36
N ARG A 463 -19.16 -10.63 5.33
CA ARG A 463 -18.81 -9.30 4.83
C ARG A 463 -19.30 -8.24 5.83
N SER A 464 -18.55 -7.16 5.97
CA SER A 464 -18.88 -6.14 6.96
C SER A 464 -18.28 -4.79 6.59
N GLU A 465 -18.99 -3.71 6.96
CA GLU A 465 -18.50 -2.35 6.73
C GLU A 465 -17.10 -2.18 7.32
N ALA A 466 -16.23 -1.45 6.59
CA ALA A 466 -14.94 -1.04 7.14
C ALA A 466 -15.14 -0.22 8.42
N THR A 467 -14.25 -0.41 9.40
CA THR A 467 -14.29 0.34 10.65
C THR A 467 -12.99 1.15 10.83
N ALA A 468 -12.88 1.85 11.96
CA ALA A 468 -11.66 2.59 12.31
C ALA A 468 -10.57 1.74 13.02
N ALA A 469 -10.79 0.43 13.14
CA ALA A 469 -9.84 -0.44 13.84
C ALA A 469 -8.50 -0.62 13.08
N ALA A 470 -8.54 -0.38 11.78
CA ALA A 470 -7.32 -0.43 10.96
C ALA A 470 -7.25 0.77 10.00
N GLU A 471 -6.56 0.59 8.87
CA GLU A 471 -6.30 1.71 7.94
C GLU A 471 -7.38 1.91 6.87
N HIS A 472 -8.45 1.12 6.93
CA HIS A 472 -9.47 1.12 5.90
C HIS A 472 -10.49 2.21 6.18
N LYS A 473 -10.64 3.15 5.23
CA LYS A 473 -11.51 4.30 5.41
CA LYS A 473 -11.50 4.32 5.38
C LYS A 473 -12.86 4.13 4.72
N GLY A 474 -13.84 4.92 5.18
CA GLY A 474 -15.20 4.83 4.67
C GLY A 474 -15.94 3.67 5.31
N LYS A 475 -17.10 3.32 4.75
CA LYS A 475 -17.89 2.22 5.27
C LYS A 475 -18.05 1.12 4.23
N VAL A 476 -17.09 1.08 3.29
CA VAL A 476 -17.06 0.07 2.23
C VAL A 476 -17.17 -1.35 2.81
N ILE A 477 -18.14 -2.11 2.32
CA ILE A 477 -18.34 -3.50 2.71
C ILE A 477 -17.19 -4.36 2.19
N MET A 478 -16.46 -4.96 3.12
CA MET A 478 -15.29 -5.77 2.82
C MET A 478 -15.54 -7.19 3.27
N HIS A 479 -14.85 -8.13 2.66
CA HIS A 479 -14.88 -9.49 3.14
C HIS A 479 -14.09 -9.62 4.44
N ASP A 480 -14.65 -10.34 5.40
CA ASP A 480 -13.98 -10.61 6.66
C ASP A 480 -14.37 -11.98 7.19
N PRO A 481 -13.90 -13.05 6.50
CA PRO A 481 -14.28 -14.41 6.84
C PRO A 481 -13.92 -14.74 8.28
N PHE A 482 -14.91 -15.23 9.04
CA PHE A 482 -14.72 -15.65 10.44
C PHE A 482 -14.23 -14.49 11.34
N ALA A 483 -14.37 -13.26 10.83
CA ALA A 483 -13.81 -12.05 11.45
C ALA A 483 -12.29 -12.16 11.66
N MET A 484 -11.65 -12.91 10.77
CA MET A 484 -10.25 -13.27 10.93
C MET A 484 -9.35 -12.73 9.82
N ARG A 485 -9.92 -11.96 8.89
CA ARG A 485 -9.16 -11.43 7.75
C ARG A 485 -7.78 -10.84 8.13
N PRO A 486 -7.73 -9.95 9.14
CA PRO A 486 -6.44 -9.37 9.55
C PRO A 486 -5.55 -10.31 10.37
N PHE A 487 -6.05 -11.52 10.68
CA PHE A 487 -5.49 -12.33 11.76
C PHE A 487 -5.11 -13.78 11.43
N PHE A 488 -5.33 -14.24 10.21
CA PHE A 488 -4.96 -15.62 9.81
C PHE A 488 -3.46 -15.84 9.94
N GLY A 489 -3.06 -16.88 10.67
CA GLY A 489 -1.65 -17.23 10.81
C GLY A 489 -1.13 -18.13 9.70
N TYR A 490 -2.03 -18.52 8.80
CA TYR A 490 -1.73 -19.46 7.73
C TYR A 490 -2.83 -19.43 6.68
N ASN A 491 -2.62 -20.22 5.62
CA ASN A 491 -3.50 -20.30 4.45
C ASN A 491 -4.98 -20.47 4.82
N PHE A 492 -5.78 -19.49 4.41
CA PHE A 492 -7.22 -19.46 4.71
C PHE A 492 -7.96 -20.70 4.23
N GLY A 493 -7.55 -21.24 3.08
CA GLY A 493 -8.13 -22.47 2.54
C GLY A 493 -7.94 -23.63 3.50
N LYS A 494 -6.71 -23.80 4.00
CA LYS A 494 -6.39 -24.85 4.99
C LYS A 494 -7.15 -24.62 6.30
N TYR A 495 -7.35 -23.35 6.65
CA TYR A 495 -8.18 -22.95 7.79
C TYR A 495 -9.63 -23.44 7.66
N LEU A 496 -10.24 -23.22 6.49
CA LEU A 496 -11.56 -23.78 6.19
C LEU A 496 -11.59 -25.29 6.29
N ALA A 497 -10.58 -25.95 5.71
CA ALA A 497 -10.43 -27.41 5.80
C ALA A 497 -10.32 -27.85 7.26
N HIS A 498 -9.55 -27.11 8.05
CA HIS A 498 -9.41 -27.39 9.49
C HIS A 498 -10.76 -27.30 10.22
N TRP A 499 -11.50 -26.22 10.00
CA TRP A 499 -12.86 -26.09 10.54
C TRP A 499 -13.80 -27.20 10.09
N LEU A 500 -13.76 -27.54 8.80
CA LEU A 500 -14.59 -28.63 8.27
C LEU A 500 -14.27 -29.98 8.89
N SER A 501 -12.98 -30.22 9.16
CA SER A 501 -12.52 -31.49 9.74
C SER A 501 -13.16 -31.80 11.11
N MET A 502 -13.57 -30.75 11.83
CA MET A 502 -14.16 -30.91 13.16
CA MET A 502 -14.16 -30.90 13.16
C MET A 502 -15.40 -31.81 13.18
N ALA A 503 -16.10 -31.86 12.05
CA ALA A 503 -17.30 -32.69 11.90
C ALA A 503 -17.00 -34.20 12.03
N HIS A 504 -15.78 -34.59 11.65
CA HIS A 504 -15.36 -36.00 11.63
C HIS A 504 -14.61 -36.44 12.88
N ARG A 505 -14.55 -35.56 13.87
CA ARG A 505 -13.84 -35.83 15.13
CA ARG A 505 -13.84 -35.82 15.13
C ARG A 505 -14.69 -36.75 16.02
N PRO A 506 -14.03 -37.68 16.76
CA PRO A 506 -14.81 -38.64 17.57
C PRO A 506 -15.67 -38.01 18.68
N ALA A 507 -16.96 -38.33 18.66
CA ALA A 507 -17.95 -37.88 19.66
C ALA A 507 -18.18 -36.36 19.68
N ALA A 508 -17.71 -35.67 18.64
CA ALA A 508 -17.83 -34.21 18.57
C ALA A 508 -19.28 -33.76 18.72
N LYS A 509 -19.48 -32.83 19.64
CA LYS A 509 -20.78 -32.21 19.86
C LYS A 509 -20.71 -30.83 19.23
N LEU A 510 -21.00 -30.79 17.94
CA LEU A 510 -20.85 -29.58 17.14
C LEU A 510 -21.84 -28.50 17.55
N PRO A 511 -21.33 -27.27 17.83
CA PRO A 511 -22.20 -26.16 18.14
C PRO A 511 -23.12 -25.80 16.98
N LYS A 512 -24.31 -25.30 17.31
CA LYS A 512 -25.16 -24.66 16.33
C LYS A 512 -24.48 -23.37 15.86
N ILE A 513 -24.57 -23.09 14.56
CA ILE A 513 -24.00 -21.87 14.00
C ILE A 513 -25.08 -20.92 13.53
N PHE A 514 -24.99 -19.66 13.98
CA PHE A 514 -25.90 -18.59 13.58
C PHE A 514 -25.17 -17.46 12.88
N HIS A 515 -25.94 -16.63 12.19
CA HIS A 515 -25.47 -15.38 11.65
C HIS A 515 -26.45 -14.27 12.02
N VAL A 516 -25.91 -13.17 12.56
CA VAL A 516 -26.72 -12.04 12.96
C VAL A 516 -26.35 -10.77 12.20
N ASN A 517 -27.31 -9.87 12.10
CA ASN A 517 -27.09 -8.53 11.59
C ASN A 517 -27.82 -7.54 12.49
N TRP A 518 -27.06 -6.89 13.39
CA TRP A 518 -27.58 -5.82 14.24
C TRP A 518 -27.70 -4.51 13.47
N PHE A 519 -27.09 -4.45 12.29
CA PHE A 519 -26.80 -3.15 11.68
C PHE A 519 -27.56 -2.83 10.39
N ARG A 520 -28.62 -3.60 10.13
CA ARG A 520 -29.47 -3.38 8.96
C ARG A 520 -30.22 -2.06 9.08
N LYS A 521 -30.21 -1.31 7.99
CA LYS A 521 -30.87 -0.01 7.88
C LYS A 521 -31.98 -0.04 6.84
N ASP A 522 -32.96 0.86 6.98
CA ASP A 522 -34.00 1.03 5.97
C ASP A 522 -33.59 2.03 4.87
N LYS A 523 -34.55 2.36 4.01
CA LYS A 523 -34.33 3.18 2.81
C LYS A 523 -33.70 4.56 3.04
N ASN A 524 -34.13 5.24 4.11
CA ASN A 524 -33.52 6.54 4.46
C ASN A 524 -32.45 6.44 5.56
N GLY A 525 -31.85 5.26 5.68
CA GLY A 525 -30.65 5.05 6.49
C GLY A 525 -30.84 4.91 7.98
N LYS A 526 -32.05 4.62 8.42
CA LYS A 526 -32.34 4.41 9.85
C LYS A 526 -32.17 2.93 10.23
N PHE A 527 -31.50 2.69 11.35
CA PHE A 527 -31.38 1.34 11.93
C PHE A 527 -32.74 0.70 12.20
N LEU A 528 -32.93 -0.50 11.68
CA LEU A 528 -34.18 -1.24 11.84
C LEU A 528 -34.28 -1.90 13.21
N TRP A 529 -33.15 -2.03 13.90
CA TRP A 529 -33.10 -2.78 15.14
C TRP A 529 -32.45 -1.98 16.27
N PRO A 530 -33.15 -1.86 17.43
CA PRO A 530 -32.66 -1.07 18.56
C PRO A 530 -31.32 -1.56 19.13
N GLY A 531 -31.08 -2.87 19.07
CA GLY A 531 -29.80 -3.45 19.48
C GLY A 531 -29.48 -3.41 20.96
N PHE A 532 -28.18 -3.48 21.26
CA PHE A 532 -27.64 -3.51 22.63
C PHE A 532 -28.36 -4.54 23.51
N GLY A 533 -29.01 -4.06 24.57
CA GLY A 533 -29.73 -4.92 25.50
C GLY A 533 -30.88 -5.71 24.87
N GLU A 534 -31.45 -5.18 23.78
CA GLU A 534 -32.53 -5.83 23.05
C GLU A 534 -32.06 -7.06 22.26
N ASN A 535 -30.75 -7.20 22.08
CA ASN A 535 -30.19 -8.36 21.40
C ASN A 535 -30.42 -9.67 22.17
N SER A 536 -30.77 -9.54 23.45
CA SER A 536 -31.19 -10.68 24.29
C SER A 536 -32.39 -11.42 23.72
N ARG A 537 -33.21 -10.73 22.93
CA ARG A 537 -34.34 -11.34 22.25
C ARG A 537 -33.90 -12.34 21.18
N VAL A 538 -32.81 -12.02 20.48
CA VAL A 538 -32.20 -12.92 19.49
C VAL A 538 -31.47 -14.07 20.18
N LEU A 539 -30.71 -13.77 21.24
CA LEU A 539 -30.07 -14.81 22.04
C LEU A 539 -31.07 -15.81 22.62
N GLU A 540 -32.24 -15.32 23.06
CA GLU A 540 -33.32 -16.19 23.52
C GLU A 540 -33.70 -17.23 22.45
N TRP A 541 -33.85 -16.78 21.22
CA TRP A 541 -34.26 -17.63 20.12
C TRP A 541 -33.19 -18.65 19.81
N MET A 542 -31.93 -18.23 19.90
CA MET A 542 -30.79 -19.12 19.71
C MET A 542 -30.77 -20.20 20.79
N PHE A 543 -31.02 -19.78 22.04
CA PHE A 543 -31.06 -20.68 23.20
C PHE A 543 -32.07 -21.83 22.95
N GLY A 544 -33.30 -21.47 22.63
CA GLY A 544 -34.36 -22.44 22.32
C GLY A 544 -34.03 -23.35 21.16
N ARG A 545 -33.42 -22.79 20.12
CA ARG A 545 -32.98 -23.59 18.97
C ARG A 545 -31.92 -24.64 19.32
N ILE A 546 -30.98 -24.27 20.20
CA ILE A 546 -30.00 -25.22 20.73
C ILE A 546 -30.71 -26.32 21.54
N GLU A 547 -31.73 -25.94 22.30
CA GLU A 547 -32.55 -26.89 23.06
C GLU A 547 -33.42 -27.77 22.16
N GLY A 548 -33.46 -27.46 20.86
CA GLY A 548 -34.23 -28.25 19.90
C GLY A 548 -35.67 -27.80 19.73
N GLU A 549 -35.94 -26.55 20.14
CA GLU A 549 -37.27 -25.96 19.99
C GLU A 549 -37.67 -25.81 18.52
N ASP A 550 -38.95 -26.01 18.25
CA ASP A 550 -39.52 -25.97 16.90
C ASP A 550 -39.89 -24.53 16.49
N SER A 551 -38.92 -23.63 16.58
CA SER A 551 -39.17 -22.20 16.40
C SER A 551 -38.62 -21.63 15.08
N ALA A 552 -38.25 -22.51 14.16
CA ALA A 552 -37.59 -22.11 12.92
C ALA A 552 -38.42 -22.36 11.66
N LYS A 553 -38.16 -21.53 10.65
CA LYS A 553 -38.74 -21.66 9.31
C LYS A 553 -37.60 -21.70 8.29
N LEU A 554 -37.67 -22.62 7.34
CA LEU A 554 -36.64 -22.78 6.31
C LEU A 554 -36.72 -21.66 5.27
N THR A 555 -35.57 -21.05 4.98
CA THR A 555 -35.44 -20.11 3.85
C THR A 555 -34.23 -20.55 3.04
N PRO A 556 -34.03 -19.96 1.85
CA PRO A 556 -32.84 -20.25 1.04
C PRO A 556 -31.48 -19.99 1.71
N ILE A 557 -31.44 -19.08 2.70
CA ILE A 557 -30.16 -18.74 3.34
C ILE A 557 -29.90 -19.50 4.64
N GLY A 558 -30.90 -20.24 5.11
CA GLY A 558 -30.86 -20.94 6.39
C GLY A 558 -32.19 -20.81 7.13
N TYR A 559 -32.22 -21.22 8.39
CA TYR A 559 -33.44 -21.11 9.18
C TYR A 559 -33.56 -19.72 9.78
N VAL A 560 -34.78 -19.17 9.76
CA VAL A 560 -35.10 -17.92 10.44
C VAL A 560 -36.17 -18.19 11.51
N PRO A 561 -36.37 -17.27 12.48
CA PRO A 561 -37.49 -17.43 13.40
C PRO A 561 -38.84 -17.50 12.68
N LYS A 562 -39.69 -18.42 13.14
CA LYS A 562 -41.09 -18.46 12.71
C LYS A 562 -41.75 -17.11 12.99
N GLU A 563 -42.89 -16.89 12.35
CA GLU A 563 -43.75 -15.77 12.68
C GLU A 563 -44.10 -15.82 14.16
N ASP A 564 -43.92 -14.69 14.85
CA ASP A 564 -44.22 -14.58 16.29
C ASP A 564 -43.29 -15.39 17.22
N ALA A 565 -42.29 -16.05 16.65
CA ALA A 565 -41.35 -16.86 17.46
C ALA A 565 -40.43 -15.98 18.31
N LEU A 566 -40.04 -14.85 17.75
CA LEU A 566 -39.20 -13.89 18.45
C LEU A 566 -40.06 -13.04 19.39
N ASN A 567 -39.60 -12.87 20.63
CA ASN A 567 -40.26 -11.99 21.59
C ASN A 567 -39.98 -10.52 21.26
N LEU A 568 -41.01 -9.81 20.83
CA LEU A 568 -40.91 -8.40 20.49
C LEU A 568 -41.76 -7.49 21.40
N LYS A 569 -42.14 -8.02 22.56
CA LYS A 569 -42.88 -7.26 23.59
C LYS A 569 -42.07 -6.07 24.10
N GLY A 570 -42.68 -4.89 24.10
CA GLY A 570 -42.02 -3.67 24.58
C GLY A 570 -41.25 -2.97 23.48
N LEU A 571 -41.40 -3.46 22.24
CA LEU A 571 -40.83 -2.84 21.05
C LEU A 571 -41.96 -2.32 20.17
N GLY A 572 -42.66 -3.22 19.49
CA GLY A 572 -43.93 -2.91 18.82
C GLY A 572 -43.88 -2.15 17.51
N ASP A 573 -43.04 -1.13 17.46
CA ASP A 573 -42.89 -0.29 16.25
C ASP A 573 -41.95 -0.89 15.20
N VAL A 574 -41.21 -1.94 15.60
CA VAL A 574 -40.20 -2.59 14.76
C VAL A 574 -40.77 -3.03 13.40
N ASN A 575 -40.08 -2.64 12.33
CA ASN A 575 -40.46 -3.00 10.97
C ASN A 575 -39.96 -4.40 10.65
N VAL A 576 -40.81 -5.40 10.93
CA VAL A 576 -40.45 -6.81 10.75
C VAL A 576 -40.45 -7.23 9.28
N GLU A 577 -41.19 -6.50 8.45
CA GLU A 577 -41.24 -6.79 7.02
C GLU A 577 -39.84 -6.68 6.40
N GLU A 578 -39.20 -5.53 6.56
CA GLU A 578 -37.88 -5.36 5.96
C GLU A 578 -36.69 -5.83 6.81
N LEU A 579 -36.86 -5.93 8.12
CA LEU A 579 -35.81 -6.43 9.00
C LEU A 579 -35.53 -7.92 8.77
N PHE A 580 -36.59 -8.67 8.51
CA PHE A 580 -36.48 -10.11 8.28
C PHE A 580 -36.62 -10.47 6.79
N GLY A 581 -36.84 -9.46 5.95
CA GLY A 581 -36.99 -9.63 4.51
C GLY A 581 -35.79 -10.24 3.79
N ILE A 582 -36.10 -11.11 2.83
CA ILE A 582 -35.08 -11.77 2.01
CA ILE A 582 -35.08 -11.77 2.01
C ILE A 582 -35.44 -11.60 0.53
N SER A 583 -34.65 -10.77 -0.16
CA SER A 583 -34.89 -10.42 -1.56
C SER A 583 -34.11 -11.34 -2.48
N LYS A 584 -34.77 -11.87 -3.51
CA LYS A 584 -34.11 -12.73 -4.50
C LYS A 584 -32.97 -11.99 -5.20
N GLU A 585 -33.22 -10.72 -5.52
CA GLU A 585 -32.27 -9.89 -6.25
C GLU A 585 -31.02 -9.61 -5.43
N PHE A 586 -31.19 -9.24 -4.16
CA PHE A 586 -30.04 -8.98 -3.29
C PHE A 586 -29.18 -10.23 -3.20
N TRP A 587 -29.83 -11.37 -3.00
CA TRP A 587 -29.12 -12.61 -2.73
C TRP A 587 -28.52 -13.25 -3.99
N GLU A 588 -29.12 -12.99 -5.15
CA GLU A 588 -28.47 -13.31 -6.42
C GLU A 588 -27.14 -12.58 -6.52
N LYS A 589 -27.16 -11.28 -6.26
CA LYS A 589 -25.96 -10.44 -6.24
C LYS A 589 -24.98 -10.96 -5.20
N GLU A 590 -25.50 -11.25 -4.01
CA GLU A 590 -24.65 -11.67 -2.89
C GLU A 590 -23.87 -12.94 -3.23
N VAL A 591 -24.56 -13.93 -3.78
CA VAL A 591 -23.95 -15.23 -4.06
C VAL A 591 -22.91 -15.17 -5.19
N GLU A 592 -23.18 -14.33 -6.20
CA GLU A 592 -22.22 -14.12 -7.29
CA GLU A 592 -22.23 -14.09 -7.31
C GLU A 592 -20.95 -13.44 -6.77
N GLU A 593 -21.13 -12.45 -5.89
CA GLU A 593 -20.00 -11.76 -5.28
C GLU A 593 -19.17 -12.73 -4.43
N ILE A 594 -19.83 -13.57 -3.63
CA ILE A 594 -19.12 -14.57 -2.81
C ILE A 594 -18.35 -15.55 -3.72
N ASP A 595 -19.00 -16.03 -4.77
CA ASP A 595 -18.41 -16.93 -5.77
C ASP A 595 -17.09 -16.39 -6.29
N LYS A 596 -17.13 -15.17 -6.84
CA LYS A 596 -15.94 -14.55 -7.42
C LYS A 596 -14.84 -14.30 -6.39
N TYR A 597 -15.24 -13.92 -5.18
CA TYR A 597 -14.28 -13.68 -4.10
C TYR A 597 -13.52 -14.97 -3.76
N LEU A 598 -14.26 -16.06 -3.55
CA LEU A 598 -13.67 -17.33 -3.17
C LEU A 598 -12.84 -17.96 -4.28
N GLU A 599 -13.30 -17.79 -5.53
CA GLU A 599 -12.56 -18.25 -6.71
C GLU A 599 -11.23 -17.54 -6.83
N ASP A 600 -11.25 -16.22 -6.66
CA ASP A 600 -10.04 -15.41 -6.76
C ASP A 600 -9.12 -15.65 -5.57
N GLN A 601 -9.65 -15.47 -4.37
CA GLN A 601 -8.84 -15.38 -3.16
C GLN A 601 -8.44 -16.72 -2.56
N VAL A 602 -9.23 -17.76 -2.82
CA VAL A 602 -8.94 -19.06 -2.21
C VAL A 602 -8.49 -20.08 -3.25
N ASN A 603 -9.12 -20.05 -4.43
CA ASN A 603 -8.75 -20.85 -5.62
CA ASN A 603 -8.67 -20.82 -5.59
C ASN A 603 -8.44 -22.33 -5.32
N ALA A 604 -7.23 -22.79 -5.62
CA ALA A 604 -6.85 -24.20 -5.47
C ALA A 604 -6.96 -24.71 -4.04
N ASP A 605 -7.00 -23.80 -3.08
CA ASP A 605 -7.07 -24.18 -1.66
C ASP A 605 -8.48 -24.17 -1.07
N LEU A 606 -9.47 -23.80 -1.88
CA LEU A 606 -10.87 -23.81 -1.43
C LEU A 606 -11.37 -25.24 -1.28
N PRO A 607 -11.75 -25.64 -0.04
CA PRO A 607 -12.26 -26.99 0.14
C PRO A 607 -13.53 -27.26 -0.68
N TYR A 608 -13.63 -28.48 -1.23
CA TYR A 608 -14.75 -28.91 -2.06
C TYR A 608 -16.09 -28.65 -1.38
N GLU A 609 -16.12 -28.89 -0.07
CA GLU A 609 -17.33 -28.71 0.74
CA GLU A 609 -17.32 -28.71 0.74
C GLU A 609 -17.82 -27.26 0.71
N ILE A 610 -16.90 -26.30 0.64
CA ILE A 610 -17.27 -24.87 0.63
C ILE A 610 -17.84 -24.46 -0.74
N GLU A 611 -17.18 -24.92 -1.80
CA GLU A 611 -17.67 -24.78 -3.17
C GLU A 611 -19.06 -25.43 -3.30
N ARG A 612 -19.23 -26.59 -2.68
CA ARG A 612 -20.53 -27.28 -2.69
C ARG A 612 -21.63 -26.46 -2.00
N GLU A 613 -21.32 -25.90 -0.84
CA GLU A 613 -22.27 -25.03 -0.13
C GLU A 613 -22.64 -23.82 -1.00
N LEU A 614 -21.65 -23.25 -1.68
CA LEU A 614 -21.87 -22.10 -2.57
C LEU A 614 -22.84 -22.43 -3.70
N ARG A 615 -22.61 -23.57 -4.35
CA ARG A 615 -23.51 -24.09 -5.38
C ARG A 615 -24.92 -24.32 -4.85
N ALA A 616 -25.02 -24.90 -3.65
CA ALA A 616 -26.31 -25.17 -3.01
C ALA A 616 -27.10 -23.89 -2.75
N LEU A 617 -26.43 -22.88 -2.20
CA LEU A 617 -27.08 -21.59 -1.94
C LEU A 617 -27.54 -20.90 -3.22
N LYS A 618 -26.68 -20.90 -4.23
CA LYS A 618 -27.03 -20.36 -5.54
C LYS A 618 -28.31 -21.03 -6.08
N GLN A 619 -28.39 -22.35 -5.93
CA GLN A 619 -29.56 -23.11 -6.36
C GLN A 619 -30.82 -22.78 -5.57
N ARG A 620 -30.71 -22.73 -4.24
CA ARG A 620 -31.85 -22.36 -3.39
C ARG A 620 -32.39 -20.99 -3.78
N ILE A 621 -31.48 -20.05 -4.04
CA ILE A 621 -31.84 -18.70 -4.48
C ILE A 621 -32.52 -18.71 -5.87
N SER A 622 -31.97 -19.49 -6.80
CA SER A 622 -32.53 -19.56 -8.16
C SER A 622 -33.97 -20.06 -8.17
N GLN A 623 -34.37 -20.75 -7.11
CA GLN A 623 -35.68 -21.38 -7.02
C GLN A 623 -36.74 -20.53 -6.30
N MET A 624 -36.32 -19.43 -5.68
CA MET A 624 -37.26 -18.61 -4.91
C MET A 624 -38.15 -17.70 -5.76
N GLN B 6 51.66 0.92 -9.54
CA GLN B 6 52.09 2.25 -10.06
C GLN B 6 53.61 2.41 -10.03
N LEU B 7 54.13 3.05 -11.07
CA LEU B 7 55.52 3.52 -11.07
C LEU B 7 55.55 4.99 -10.69
N HIS B 8 54.37 5.62 -10.71
CA HIS B 8 54.20 7.00 -10.25
C HIS B 8 53.03 7.12 -9.27
N ASN B 9 52.23 8.19 -9.43
CA ASN B 9 51.17 8.52 -8.47
C ASN B 9 49.89 8.97 -9.18
N GLY B 10 49.68 8.48 -10.40
CA GLY B 10 48.62 8.97 -11.29
C GLY B 10 47.27 8.26 -11.30
N LEU B 11 47.28 6.92 -11.25
CA LEU B 11 46.03 6.14 -11.36
C LEU B 11 45.14 6.16 -10.11
N ASP B 12 45.75 6.28 -8.94
CA ASP B 12 45.04 6.29 -7.68
C ASP B 12 44.47 7.68 -7.40
N PHE B 13 43.14 7.77 -7.37
CA PHE B 13 42.46 9.05 -7.19
C PHE B 13 42.00 9.32 -5.75
N SER B 14 42.44 8.48 -4.82
CA SER B 14 42.04 8.55 -3.41
C SER B 14 42.21 9.94 -2.79
N ALA B 15 43.34 10.58 -3.09
CA ALA B 15 43.67 11.90 -2.51
C ALA B 15 42.64 12.98 -2.85
N LYS B 16 41.83 12.72 -3.88
CA LYS B 16 40.85 13.69 -4.39
CA LYS B 16 40.87 13.72 -4.33
C LYS B 16 39.42 13.41 -3.93
N VAL B 17 39.24 12.34 -3.15
CA VAL B 17 37.91 11.97 -2.65
C VAL B 17 37.48 12.85 -1.48
N ILE B 18 36.39 13.57 -1.65
CA ILE B 18 35.90 14.51 -0.62
C ILE B 18 34.73 13.96 0.18
N GLN B 19 34.16 12.84 -0.27
CA GLN B 19 33.19 12.05 0.52
C GLN B 19 33.25 10.58 0.14
N GLY B 20 33.26 9.72 1.17
CA GLY B 20 33.28 8.28 0.97
C GLY B 20 34.68 7.78 0.74
N SER B 21 34.80 6.61 0.11
CA SER B 21 36.06 5.95 -0.06
C SER B 21 36.05 5.06 -1.29
N LEU B 22 37.10 5.19 -2.10
CA LEU B 22 37.28 4.31 -3.26
C LEU B 22 37.44 2.87 -2.82
N ASP B 23 38.09 2.68 -1.66
CA ASP B 23 38.30 1.38 -1.04
C ASP B 23 36.99 0.69 -0.62
N SER B 24 35.97 1.49 -0.32
CA SER B 24 34.68 0.96 0.13
C SER B 24 33.80 0.50 -1.03
N LEU B 25 34.11 0.98 -2.23
CA LEU B 25 33.32 0.64 -3.42
C LEU B 25 33.60 -0.78 -3.89
N PRO B 26 32.58 -1.44 -4.49
CA PRO B 26 32.78 -2.68 -5.22
C PRO B 26 33.83 -2.50 -6.33
N GLN B 27 34.69 -3.52 -6.47
CA GLN B 27 35.80 -3.52 -7.42
CA GLN B 27 35.82 -3.47 -7.40
C GLN B 27 35.47 -2.83 -8.75
N GLU B 28 34.45 -3.36 -9.42
CA GLU B 28 34.00 -2.85 -10.72
C GLU B 28 33.51 -1.39 -10.67
N VAL B 29 32.90 -0.99 -9.56
CA VAL B 29 32.47 0.40 -9.38
C VAL B 29 33.69 1.33 -9.26
N ARG B 30 34.66 0.95 -8.42
CA ARG B 30 35.91 1.72 -8.33
C ARG B 30 36.60 1.87 -9.69
N LYS B 31 36.69 0.78 -10.45
CA LYS B 31 37.31 0.80 -11.78
C LYS B 31 36.60 1.79 -12.71
N PHE B 32 35.28 1.75 -12.69
CA PHE B 32 34.44 2.68 -13.44
C PHE B 32 34.71 4.13 -13.03
N VAL B 33 34.71 4.38 -11.72
CA VAL B 33 34.96 5.72 -11.15
C VAL B 33 36.36 6.24 -11.51
N GLU B 34 37.38 5.46 -11.16
CA GLU B 34 38.77 5.86 -11.38
C GLU B 34 39.12 6.02 -12.86
N GLY B 35 38.64 5.11 -13.70
CA GLY B 35 38.87 5.18 -15.14
C GLY B 35 38.36 6.47 -15.75
N ASN B 36 37.16 6.87 -15.34
CA ASN B 36 36.59 8.13 -15.80
C ASN B 36 37.16 9.35 -15.07
N ALA B 37 37.65 9.17 -13.85
CA ALA B 37 38.41 10.24 -13.18
C ALA B 37 39.68 10.55 -13.98
N GLN B 38 40.38 9.48 -14.40
CA GLN B 38 41.58 9.60 -15.20
C GLN B 38 41.28 10.33 -16.51
N LEU B 39 40.16 10.00 -17.13
CA LEU B 39 39.75 10.60 -18.39
C LEU B 39 39.23 12.05 -18.27
N CYS B 40 38.30 12.26 -17.35
CA CYS B 40 37.60 13.56 -17.23
C CYS B 40 38.35 14.62 -16.41
N GLN B 41 39.30 14.17 -15.61
CA GLN B 41 40.13 15.08 -14.80
CA GLN B 41 40.14 15.06 -14.78
C GLN B 41 39.32 15.96 -13.82
N PRO B 42 38.37 15.35 -13.06
CA PRO B 42 37.68 16.19 -12.08
C PRO B 42 38.66 16.68 -11.02
N GLU B 43 38.34 17.80 -10.37
CA GLU B 43 39.15 18.27 -9.24
C GLU B 43 38.91 17.41 -7.99
N TYR B 44 37.66 17.00 -7.80
CA TYR B 44 37.24 16.25 -6.62
C TYR B 44 36.31 15.10 -7.00
N ILE B 45 36.25 14.10 -6.12
CA ILE B 45 35.30 13.00 -6.27
C ILE B 45 34.45 12.91 -5.00
N HIS B 46 33.14 12.94 -5.17
CA HIS B 46 32.20 12.90 -4.06
C HIS B 46 31.34 11.66 -4.27
N ILE B 47 31.47 10.68 -3.38
CA ILE B 47 30.66 9.48 -3.47
C ILE B 47 29.39 9.79 -2.68
N CYS B 48 28.26 9.88 -3.39
CA CYS B 48 26.99 10.26 -2.76
C CYS B 48 26.48 9.23 -1.77
N ASP B 49 26.01 9.68 -0.61
CA ASP B 49 25.45 8.78 0.40
C ASP B 49 23.91 8.79 0.44
N GLY B 50 23.31 9.76 -0.24
CA GLY B 50 21.86 9.87 -0.33
C GLY B 50 21.16 10.50 0.87
N SER B 51 21.95 11.03 1.79
CA SER B 51 21.43 11.56 3.06
C SER B 51 20.76 12.93 2.91
N GLU B 52 19.88 13.27 3.86
CA GLU B 52 19.24 14.59 3.92
C GLU B 52 20.30 15.68 4.09
N GLU B 53 21.30 15.38 4.93
CA GLU B 53 22.43 16.29 5.14
CA GLU B 53 22.44 16.27 5.15
C GLU B 53 23.09 16.65 3.81
N GLU B 54 23.54 15.63 3.08
CA GLU B 54 24.17 15.79 1.77
C GLU B 54 23.32 16.63 0.81
N TYR B 55 22.03 16.31 0.75
CA TYR B 55 21.06 16.97 -0.11
C TYR B 55 20.90 18.44 0.23
N GLY B 56 20.63 18.72 1.50
CA GLY B 56 20.35 20.08 1.98
C GLY B 56 21.50 21.04 1.75
N ARG B 57 22.70 20.55 2.01
CA ARG B 57 23.94 21.33 1.86
CA ARG B 57 23.90 21.38 1.86
C ARG B 57 24.33 21.55 0.39
N LEU B 58 24.04 20.58 -0.45
CA LEU B 58 24.29 20.74 -1.89
C LEU B 58 23.33 21.77 -2.50
N LEU B 59 22.06 21.72 -2.09
CA LEU B 59 21.07 22.72 -2.47
C LEU B 59 21.51 24.12 -2.04
N ALA B 60 21.90 24.24 -0.77
CA ALA B 60 22.36 25.53 -0.23
C ALA B 60 23.57 26.03 -1.00
N HIS B 61 24.46 25.12 -1.39
CA HIS B 61 25.63 25.46 -2.20
C HIS B 61 25.24 26.04 -3.57
N MET B 62 24.33 25.35 -4.27
CA MET B 62 23.82 25.83 -5.54
C MET B 62 23.17 27.19 -5.39
N GLN B 63 22.48 27.39 -4.26
CA GLN B 63 21.85 28.65 -3.93
C GLN B 63 22.89 29.76 -3.80
N GLU B 64 23.93 29.52 -2.99
CA GLU B 64 24.98 30.52 -2.84
CA GLU B 64 25.08 30.44 -2.83
C GLU B 64 25.61 30.89 -4.19
N GLU B 65 25.82 29.90 -5.06
CA GLU B 65 26.41 30.10 -6.38
C GLU B 65 25.43 30.69 -7.41
N GLY B 66 24.16 30.79 -7.02
CA GLY B 66 23.13 31.32 -7.90
C GLY B 66 22.70 30.36 -8.99
N VAL B 67 22.93 29.07 -8.77
CA VAL B 67 22.51 28.02 -9.71
C VAL B 67 21.02 27.67 -9.53
N ILE B 68 20.55 27.75 -8.28
CA ILE B 68 19.11 27.64 -7.97
C ILE B 68 18.68 28.75 -7.02
N ARG B 69 17.38 29.02 -7.02
CA ARG B 69 16.76 29.94 -6.09
C ARG B 69 15.76 29.20 -5.23
N LYS B 70 15.71 29.55 -3.94
CA LYS B 70 14.72 28.99 -3.03
C LYS B 70 13.38 29.68 -3.25
N LEU B 71 12.32 28.89 -3.24
CA LEU B 71 10.96 29.40 -3.40
C LEU B 71 10.35 29.50 -2.01
N LYS B 72 10.39 30.72 -1.45
CA LYS B 72 10.05 30.95 -0.04
C LYS B 72 8.58 30.74 0.32
N LYS B 73 7.71 30.71 -0.68
CA LYS B 73 6.28 30.50 -0.46
C LYS B 73 5.98 29.06 -0.01
N TYR B 74 6.82 28.12 -0.45
CA TYR B 74 6.60 26.69 -0.20
C TYR B 74 7.65 26.10 0.75
N ASP B 75 7.48 24.83 1.10
CA ASP B 75 8.39 24.14 2.02
C ASP B 75 9.49 23.40 1.26
N ASN B 76 10.73 23.87 1.40
CA ASN B 76 11.90 23.23 0.78
C ASN B 76 11.74 23.03 -0.74
N CYS B 77 11.37 24.10 -1.43
CA CYS B 77 11.22 24.07 -2.88
C CYS B 77 12.18 25.02 -3.56
N TRP B 78 12.60 24.65 -4.76
CA TRP B 78 13.68 25.32 -5.46
C TRP B 78 13.40 25.50 -6.94
N LEU B 79 13.95 26.56 -7.52
CA LEU B 79 13.76 26.87 -8.94
C LEU B 79 15.10 26.99 -9.64
N ALA B 80 15.26 26.26 -10.74
CA ALA B 80 16.39 26.43 -11.64
C ALA B 80 15.94 27.03 -12.97
N LEU B 81 16.70 28.00 -13.47
CA LEU B 81 16.43 28.60 -14.77
C LEU B 81 17.59 28.31 -15.72
N THR B 82 17.33 27.59 -16.80
CA THR B 82 18.40 27.13 -17.69
C THR B 82 18.77 28.15 -18.78
N ASP B 83 19.94 27.92 -19.40
CA ASP B 83 20.30 28.48 -20.70
C ASP B 83 19.16 28.16 -21.66
N PRO B 84 18.66 29.16 -22.42
CA PRO B 84 17.56 28.87 -23.35
C PRO B 84 17.94 27.88 -24.44
N ARG B 85 19.24 27.66 -24.62
CA ARG B 85 19.75 26.69 -25.60
C ARG B 85 19.60 25.24 -25.10
N ASP B 86 19.35 25.07 -23.80
CA ASP B 86 19.28 23.76 -23.16
C ASP B 86 18.01 23.64 -22.35
N VAL B 87 16.93 23.19 -22.98
CA VAL B 87 15.60 23.29 -22.40
C VAL B 87 14.73 22.05 -22.55
N ALA B 88 15.24 21.05 -23.29
CA ALA B 88 14.48 19.84 -23.57
C ALA B 88 15.35 18.70 -24.08
N ARG B 89 14.80 17.50 -24.05
CA ARG B 89 15.36 16.34 -24.75
C ARG B 89 15.57 16.70 -26.20
N ILE B 90 16.78 16.46 -26.70
CA ILE B 90 17.08 16.69 -28.11
C ILE B 90 17.27 15.34 -28.80
N GLU B 91 16.24 14.91 -29.52
CA GLU B 91 16.25 13.63 -30.20
C GLU B 91 17.33 13.56 -31.30
N SER B 92 17.53 14.67 -32.01
CA SER B 92 18.51 14.73 -33.10
C SER B 92 19.97 14.56 -32.64
N LYS B 93 20.17 14.56 -31.32
CA LYS B 93 21.47 14.35 -30.73
C LYS B 93 21.48 13.12 -29.80
N THR B 94 20.48 12.26 -29.99
CA THR B 94 20.30 11.06 -29.18
C THR B 94 20.49 9.83 -30.08
N VAL B 95 21.51 9.04 -29.77
CA VAL B 95 21.93 7.96 -30.66
C VAL B 95 22.11 6.65 -29.89
N ILE B 96 22.00 5.53 -30.60
CA ILE B 96 22.31 4.22 -30.01
C ILE B 96 23.39 3.53 -30.84
N ILE B 97 24.40 2.99 -30.16
CA ILE B 97 25.55 2.38 -30.84
C ILE B 97 25.46 0.86 -30.81
N THR B 98 25.48 0.26 -32.00
CA THR B 98 25.58 -1.19 -32.18
C THR B 98 26.44 -1.46 -33.41
N GLN B 99 26.96 -2.68 -33.48
CA GLN B 99 27.77 -3.10 -34.62
C GLN B 99 26.96 -3.05 -35.92
N GLU B 100 25.76 -3.61 -35.88
CA GLU B 100 24.84 -3.58 -37.01
C GLU B 100 23.73 -2.58 -36.76
N GLN B 101 23.47 -1.73 -37.76
CA GLN B 101 22.41 -0.73 -37.69
C GLN B 101 21.04 -1.38 -37.53
N ARG B 102 20.88 -2.53 -38.20
CA ARG B 102 19.66 -3.34 -38.21
CA ARG B 102 19.62 -3.27 -38.20
C ARG B 102 19.20 -3.73 -36.80
N ASP B 103 20.17 -3.87 -35.90
CA ASP B 103 19.85 -4.24 -34.53
C ASP B 103 19.27 -3.06 -33.73
N THR B 104 19.48 -1.85 -34.20
CA THR B 104 18.98 -0.62 -33.55
C THR B 104 17.68 -0.12 -34.17
N VAL B 105 17.64 -0.06 -35.50
CA VAL B 105 16.45 0.38 -36.23
C VAL B 105 16.24 -0.54 -37.42
N PRO B 106 14.98 -0.78 -37.81
CA PRO B 106 14.75 -1.47 -39.07
C PRO B 106 15.26 -0.63 -40.24
N ILE B 107 15.75 -1.28 -41.29
CA ILE B 107 16.23 -0.56 -42.46
C ILE B 107 15.00 -0.17 -43.29
N PRO B 108 14.71 1.14 -43.40
CA PRO B 108 13.48 1.53 -44.05
C PRO B 108 13.49 1.22 -45.54
N LYS B 109 12.31 1.09 -46.11
CA LYS B 109 12.18 0.80 -47.54
C LYS B 109 12.56 1.99 -48.42
N SER B 110 12.23 3.22 -48.01
CA SER B 110 12.36 4.38 -48.94
C SER B 110 13.22 5.66 -48.68
N GLY B 111 13.14 6.37 -47.56
CA GLY B 111 12.69 5.96 -46.26
C GLY B 111 13.88 6.26 -45.36
N GLN B 112 13.88 7.40 -44.67
CA GLN B 112 14.81 7.59 -43.55
C GLN B 112 14.10 7.22 -42.25
N SER B 113 14.79 6.50 -41.36
CA SER B 113 14.16 5.96 -40.15
C SER B 113 13.83 7.01 -39.10
N GLN B 114 12.64 6.89 -38.54
CA GLN B 114 12.22 7.76 -37.46
CA GLN B 114 12.21 7.76 -37.46
C GLN B 114 11.97 6.95 -36.18
N LEU B 115 12.43 5.70 -36.18
CA LEU B 115 12.27 4.77 -35.06
C LEU B 115 13.51 4.68 -34.17
N GLY B 116 14.49 5.52 -34.49
CA GLY B 116 15.74 5.61 -33.74
C GLY B 116 16.80 6.35 -34.53
N ARG B 117 17.98 6.48 -33.94
CA ARG B 117 19.14 7.08 -34.59
C ARG B 117 20.37 6.26 -34.23
N TRP B 118 20.88 5.54 -35.22
CA TRP B 118 22.04 4.70 -35.05
C TRP B 118 23.32 5.48 -35.30
N MET B 119 24.35 5.15 -34.55
CA MET B 119 25.68 5.68 -34.79
C MET B 119 26.69 4.54 -34.70
N SER B 120 27.57 4.45 -35.69
CA SER B 120 28.58 3.40 -35.71
C SER B 120 29.52 3.54 -34.51
N GLU B 121 30.12 2.44 -34.10
CA GLU B 121 31.09 2.45 -33.01
C GLU B 121 32.25 3.41 -33.34
N GLU B 122 32.70 3.39 -34.59
CA GLU B 122 33.81 4.25 -35.05
C GLU B 122 33.50 5.74 -34.98
N ASP B 123 32.29 6.12 -35.41
CA ASP B 123 31.84 7.51 -35.32
C ASP B 123 31.74 7.96 -33.87
N PHE B 124 31.13 7.14 -33.03
CA PHE B 124 31.01 7.47 -31.61
C PHE B 124 32.36 7.62 -30.92
N GLU B 125 33.31 6.74 -31.24
CA GLU B 125 34.64 6.79 -30.62
CA GLU B 125 34.64 6.79 -30.62
C GLU B 125 35.29 8.14 -30.89
N LYS B 126 35.17 8.62 -32.12
CA LYS B 126 35.69 9.95 -32.47
C LYS B 126 34.95 11.04 -31.71
N ALA B 127 33.62 10.96 -31.67
CA ALA B 127 32.79 11.95 -30.97
C ALA B 127 33.08 12.01 -29.48
N PHE B 128 33.31 10.83 -28.88
CA PHE B 128 33.69 10.69 -27.48
C PHE B 128 35.02 11.39 -27.21
N ASN B 129 36.02 11.07 -28.03
CA ASN B 129 37.36 11.64 -27.91
C ASN B 129 37.41 13.16 -28.07
N ALA B 130 36.43 13.68 -28.81
CA ALA B 130 36.31 15.13 -29.04
C ALA B 130 35.61 15.85 -27.89
N ARG B 131 35.16 15.11 -26.88
CA ARG B 131 34.28 15.66 -25.84
C ARG B 131 34.79 15.49 -24.42
N PHE B 132 34.98 14.23 -24.00
CA PHE B 132 35.20 13.90 -22.59
C PHE B 132 36.60 14.12 -22.00
N PRO B 133 37.69 14.00 -22.80
CA PRO B 133 39.02 14.27 -22.24
C PRO B 133 39.12 15.63 -21.53
N GLY B 134 39.30 15.58 -20.20
CA GLY B 134 39.43 16.80 -19.40
C GLY B 134 38.16 17.61 -19.16
N CYS B 135 37.01 17.07 -19.56
CA CYS B 135 35.73 17.81 -19.47
C CYS B 135 35.31 18.27 -18.07
N MET B 136 35.82 17.60 -17.03
CA MET B 136 35.44 17.93 -15.64
C MET B 136 36.48 18.73 -14.87
N LYS B 137 37.49 19.22 -15.57
CA LYS B 137 38.55 20.06 -14.96
C LYS B 137 37.96 21.18 -14.10
N GLY B 138 38.39 21.26 -12.85
CA GLY B 138 37.97 22.32 -11.92
C GLY B 138 36.67 22.03 -11.21
N ARG B 139 36.08 20.86 -11.48
CA ARG B 139 34.75 20.53 -10.98
C ARG B 139 34.77 19.25 -10.14
N THR B 140 33.71 19.04 -9.39
CA THR B 140 33.51 17.78 -8.66
C THR B 140 32.82 16.78 -9.58
N MET B 141 33.36 15.55 -9.62
CA MET B 141 32.63 14.40 -10.15
C MET B 141 31.85 13.76 -9.01
N TYR B 142 30.53 13.78 -9.11
CA TYR B 142 29.69 13.11 -8.14
C TYR B 142 29.45 11.69 -8.59
N VAL B 143 29.52 10.75 -7.64
CA VAL B 143 29.21 9.35 -7.90
C VAL B 143 27.83 9.05 -7.29
N ILE B 144 26.86 8.77 -8.16
CA ILE B 144 25.48 8.51 -7.75
C ILE B 144 25.14 7.03 -7.89
N PRO B 145 25.12 6.28 -6.76
CA PRO B 145 24.63 4.91 -6.86
C PRO B 145 23.11 4.91 -6.77
N PHE B 146 22.43 4.36 -7.77
CA PHE B 146 20.97 4.44 -7.81
C PHE B 146 20.30 3.14 -8.21
N SER B 147 19.15 2.88 -7.59
CA SER B 147 18.31 1.74 -7.95
C SER B 147 17.07 2.20 -8.70
N MET B 148 16.87 1.63 -9.89
CA MET B 148 15.66 1.82 -10.66
C MET B 148 14.65 0.76 -10.22
N GLY B 149 13.62 1.20 -9.50
CA GLY B 149 12.65 0.28 -8.88
C GLY B 149 12.92 0.12 -7.40
N PRO B 150 11.95 -0.44 -6.65
CA PRO B 150 12.11 -0.64 -5.20
C PRO B 150 13.40 -1.37 -4.89
N LEU B 151 14.18 -0.82 -3.96
CA LEU B 151 15.47 -1.39 -3.54
C LEU B 151 15.30 -2.87 -3.19
N GLY B 152 16.01 -3.74 -3.91
CA GLY B 152 15.93 -5.17 -3.67
C GLY B 152 14.71 -5.90 -4.25
N SER B 153 13.93 -5.22 -5.08
CA SER B 153 12.89 -5.87 -5.88
C SER B 153 13.60 -6.78 -6.90
N PRO B 154 13.03 -7.97 -7.17
CA PRO B 154 13.55 -8.83 -8.25
C PRO B 154 13.49 -8.17 -9.63
N LEU B 155 12.62 -7.17 -9.78
CA LEU B 155 12.51 -6.44 -11.05
C LEU B 155 13.39 -5.20 -11.08
N ALA B 156 14.03 -4.86 -9.95
CA ALA B 156 14.90 -3.68 -9.85
C ALA B 156 16.27 -3.89 -10.51
N LYS B 157 16.82 -2.79 -11.05
CA LYS B 157 18.17 -2.78 -11.63
C LYS B 157 18.95 -1.58 -11.09
N ILE B 158 20.25 -1.77 -10.87
CA ILE B 158 21.11 -0.72 -10.34
C ILE B 158 21.95 -0.04 -11.42
N GLY B 159 22.16 1.26 -11.25
CA GLY B 159 23.10 2.02 -12.05
C GLY B 159 24.03 2.87 -11.19
N ILE B 160 25.14 3.30 -11.78
CA ILE B 160 26.04 4.28 -11.19
C ILE B 160 26.11 5.44 -12.17
N GLU B 161 25.70 6.64 -11.76
CA GLU B 161 25.88 7.81 -12.61
C GLU B 161 27.02 8.70 -12.11
N LEU B 162 27.97 8.97 -13.00
CA LEU B 162 29.01 9.96 -12.76
C LEU B 162 28.56 11.23 -13.44
N THR B 163 28.58 12.34 -12.71
CA THR B 163 28.17 13.65 -13.24
C THR B 163 28.96 14.78 -12.62
N ASP B 164 29.08 15.89 -13.35
CA ASP B 164 29.68 17.08 -12.77
C ASP B 164 28.64 18.15 -12.41
N SER B 165 27.37 17.75 -12.41
CA SER B 165 26.28 18.67 -12.13
C SER B 165 25.56 18.34 -10.80
N PRO B 166 25.67 19.23 -9.80
CA PRO B 166 24.89 19.16 -8.56
C PRO B 166 23.37 19.12 -8.81
N TYR B 167 22.88 19.85 -9.82
CA TYR B 167 21.45 19.80 -10.22
C TYR B 167 21.00 18.38 -10.58
N VAL B 168 21.89 17.61 -11.21
CA VAL B 168 21.63 16.21 -11.57
C VAL B 168 21.59 15.35 -10.30
N VAL B 169 22.56 15.54 -9.39
CA VAL B 169 22.56 14.83 -8.10
C VAL B 169 21.23 15.03 -7.35
N ALA B 170 20.84 16.28 -7.15
CA ALA B 170 19.59 16.63 -6.47
C ALA B 170 18.35 15.99 -7.13
N SER B 171 18.23 16.12 -8.45
CA SER B 171 17.10 15.57 -9.19
C SER B 171 17.09 14.05 -9.18
N MET B 172 18.27 13.45 -9.28
CA MET B 172 18.42 12.00 -9.19
C MET B 172 18.02 11.49 -7.82
N ARG B 173 18.24 12.29 -6.78
CA ARG B 173 17.84 11.89 -5.42
C ARG B 173 16.32 11.70 -5.38
N ILE B 174 15.60 12.58 -6.08
CA ILE B 174 14.14 12.57 -6.15
C ILE B 174 13.62 11.50 -7.12
N MET B 175 14.28 11.37 -8.27
CA MET B 175 13.75 10.53 -9.35
C MET B 175 14.15 9.06 -9.26
N THR B 176 15.17 8.78 -8.44
CA THR B 176 15.62 7.40 -8.21
C THR B 176 15.77 7.15 -6.71
N ARG B 177 16.05 5.91 -6.33
CA ARG B 177 16.49 5.58 -4.98
C ARG B 177 18.00 5.64 -4.97
N MET B 178 18.55 6.52 -4.14
CA MET B 178 19.93 6.95 -4.29
C MET B 178 20.71 6.84 -2.99
N GLY B 179 21.97 6.43 -3.08
CA GLY B 179 22.88 6.51 -1.93
C GLY B 179 23.60 5.24 -1.48
N THR B 180 24.09 5.27 -0.23
CA THR B 180 24.89 4.19 0.33
C THR B 180 24.18 2.84 0.36
N SER B 181 22.88 2.86 0.65
CA SER B 181 22.07 1.64 0.69
C SER B 181 22.11 0.89 -0.64
N VAL B 182 22.16 1.63 -1.73
CA VAL B 182 22.21 1.05 -3.07
C VAL B 182 23.54 0.32 -3.32
N LEU B 183 24.66 0.93 -2.93
CA LEU B 183 25.98 0.31 -3.02
C LEU B 183 26.05 -0.98 -2.21
N GLU B 184 25.45 -0.95 -1.03
CA GLU B 184 25.44 -2.10 -0.15
C GLU B 184 24.61 -3.23 -0.75
N ALA B 185 23.50 -2.87 -1.39
CA ALA B 185 22.67 -3.84 -2.11
C ALA B 185 23.34 -4.36 -3.38
N LEU B 186 24.08 -3.48 -4.05
CA LEU B 186 24.75 -3.83 -5.29
C LEU B 186 25.74 -4.98 -5.12
N GLY B 187 26.65 -4.85 -4.16
CA GLY B 187 27.73 -5.82 -3.99
C GLY B 187 28.55 -5.91 -5.26
N ASP B 188 28.98 -7.12 -5.62
CA ASP B 188 29.73 -7.33 -6.85
C ASP B 188 28.82 -7.63 -8.05
N GLY B 189 27.55 -7.25 -7.94
CA GLY B 189 26.60 -7.42 -9.04
C GLY B 189 26.88 -6.49 -10.21
N GLU B 190 26.19 -6.74 -11.31
CA GLU B 190 26.29 -5.88 -12.49
C GLU B 190 25.52 -4.58 -12.31
N PHE B 191 25.92 -3.56 -13.06
CA PHE B 191 25.27 -2.25 -13.02
C PHE B 191 25.43 -1.54 -14.36
N ILE B 192 24.45 -0.70 -14.70
CA ILE B 192 24.57 0.14 -15.90
C ILE B 192 25.52 1.28 -15.59
N LYS B 193 26.57 1.37 -16.40
CA LYS B 193 27.57 2.44 -16.30
C LYS B 193 27.03 3.69 -16.97
N CYS B 194 26.75 4.74 -16.19
CA CYS B 194 26.23 6.00 -16.70
C CYS B 194 27.25 7.14 -16.52
N LEU B 195 27.58 7.82 -17.60
CA LEU B 195 28.53 8.92 -17.53
C LEU B 195 27.90 10.20 -18.08
N HIS B 196 27.98 11.26 -17.31
CA HIS B 196 27.44 12.54 -17.69
C HIS B 196 28.40 13.70 -17.41
N SER B 197 28.48 14.63 -18.36
CA SER B 197 29.17 15.90 -18.16
C SER B 197 28.45 17.02 -18.90
N VAL B 198 28.36 18.20 -18.27
CA VAL B 198 27.82 19.40 -18.91
C VAL B 198 28.73 19.93 -20.02
N GLY B 199 29.98 19.47 -20.02
CA GLY B 199 30.95 19.76 -21.07
C GLY B 199 31.56 21.15 -20.97
N CYS B 200 31.71 21.66 -19.76
CA CYS B 200 32.25 23.00 -19.53
C CYS B 200 33.40 22.99 -18.52
N PRO B 201 34.55 22.39 -18.90
CA PRO B 201 35.67 22.37 -17.95
C PRO B 201 36.10 23.77 -17.59
N LEU B 202 36.62 23.93 -16.38
CA LEU B 202 37.15 25.22 -15.92
C LEU B 202 38.65 25.28 -16.18
N PRO B 203 39.17 26.45 -16.61
CA PRO B 203 38.48 27.73 -16.83
C PRO B 203 37.53 27.68 -18.02
N LEU B 204 36.41 28.38 -17.92
CA LEU B 204 35.41 28.42 -18.98
C LEU B 204 35.93 29.03 -20.27
N LYS B 205 35.87 28.24 -21.34
CA LYS B 205 36.25 28.70 -22.68
C LYS B 205 35.16 29.59 -23.28
N LYS B 206 33.93 29.34 -22.86
CA LYS B 206 32.75 30.04 -23.42
C LYS B 206 31.86 30.61 -22.30
N PRO B 207 31.08 31.67 -22.60
CA PRO B 207 30.31 32.35 -21.55
C PRO B 207 29.29 31.45 -20.88
N LEU B 208 29.17 31.58 -19.56
CA LEU B 208 28.13 30.90 -18.81
C LEU B 208 26.87 31.76 -18.89
N VAL B 209 25.78 31.18 -19.39
CA VAL B 209 24.50 31.88 -19.46
C VAL B 209 23.62 31.39 -18.31
N ASN B 210 23.08 32.34 -17.54
CA ASN B 210 22.12 32.07 -16.46
C ASN B 210 22.60 31.05 -15.44
N ASN B 211 23.92 31.08 -15.15
CA ASN B 211 24.56 30.11 -14.26
C ASN B 211 24.20 28.67 -14.61
N TRP B 212 24.01 28.41 -15.91
CA TRP B 212 23.64 27.10 -16.40
C TRP B 212 24.72 26.56 -17.34
N ALA B 213 25.53 25.66 -16.82
CA ALA B 213 26.58 25.01 -17.61
C ALA B 213 25.97 24.00 -18.59
N CYS B 214 26.32 24.17 -19.86
CA CYS B 214 25.89 23.30 -20.96
C CYS B 214 26.78 23.55 -22.18
N ASN B 215 26.81 22.59 -23.10
CA ASN B 215 27.55 22.71 -24.36
C ASN B 215 26.66 22.31 -25.54
N PRO B 216 25.78 23.22 -25.99
CA PRO B 216 24.79 22.87 -27.00
C PRO B 216 25.41 22.33 -28.29
N GLU B 217 26.52 22.93 -28.73
CA GLU B 217 27.16 22.55 -29.99
C GLU B 217 27.65 21.10 -29.98
N LEU B 218 28.08 20.64 -28.81
CA LEU B 218 28.66 19.30 -28.67
C LEU B 218 27.74 18.30 -27.96
N THR B 219 26.47 18.69 -27.76
CA THR B 219 25.49 17.84 -27.08
C THR B 219 25.31 16.51 -27.81
N LEU B 220 25.34 15.43 -27.04
CA LEU B 220 25.28 14.07 -27.57
C LEU B 220 24.86 13.14 -26.46
N ILE B 221 23.74 12.42 -26.66
CA ILE B 221 23.25 11.47 -25.65
C ILE B 221 23.31 10.05 -26.21
N ALA B 222 24.34 9.30 -25.80
CA ALA B 222 24.65 8.01 -26.42
C ALA B 222 24.33 6.80 -25.55
N HIS B 223 23.93 5.72 -26.20
CA HIS B 223 23.60 4.48 -25.53
C HIS B 223 24.37 3.35 -26.18
N LEU B 224 25.05 2.55 -25.35
CA LEU B 224 25.86 1.44 -25.86
C LEU B 224 25.46 0.15 -25.15
N PRO B 225 24.34 -0.47 -25.60
CA PRO B 225 23.71 -1.61 -24.92
C PRO B 225 24.62 -2.82 -24.73
N ASP B 226 25.48 -3.09 -25.69
CA ASP B 226 26.38 -4.24 -25.61
C ASP B 226 27.52 -4.00 -24.60
N ARG B 227 27.73 -2.73 -24.25
CA ARG B 227 28.72 -2.36 -23.25
C ARG B 227 28.05 -2.01 -21.91
N ARG B 228 26.73 -2.08 -21.88
CA ARG B 228 25.91 -1.63 -20.73
C ARG B 228 26.31 -0.22 -20.30
N GLU B 229 26.47 0.68 -21.27
CA GLU B 229 26.91 2.05 -20.99
C GLU B 229 25.95 3.09 -21.55
N ILE B 230 25.76 4.17 -20.79
CA ILE B 230 25.07 5.37 -21.25
C ILE B 230 26.07 6.51 -21.12
N ILE B 231 26.23 7.29 -22.18
CA ILE B 231 27.23 8.35 -22.20
C ILE B 231 26.61 9.63 -22.73
N SER B 232 26.50 10.63 -21.85
CA SER B 232 25.77 11.85 -22.17
C SER B 232 26.61 13.12 -21.98
N PHE B 233 26.69 13.96 -23.02
CA PHE B 233 27.55 15.14 -23.01
C PHE B 233 26.82 16.41 -23.46
N GLY B 234 27.05 17.51 -22.74
CA GLY B 234 26.66 18.86 -23.19
C GLY B 234 25.33 19.41 -22.70
N SER B 235 24.44 18.53 -22.26
CA SER B 235 23.15 18.96 -21.73
C SER B 235 22.99 18.63 -20.25
N GLY B 236 22.43 19.58 -19.50
CA GLY B 236 22.11 19.37 -18.10
C GLY B 236 20.63 19.10 -17.87
N TYR B 237 19.83 19.12 -18.95
CA TYR B 237 18.39 19.03 -18.82
CA TYR B 237 18.36 19.03 -18.86
C TYR B 237 17.86 17.61 -18.65
N GLY B 238 16.83 17.48 -17.82
CA GLY B 238 16.11 16.24 -17.51
C GLY B 238 16.40 14.95 -18.25
N GLY B 239 15.77 14.76 -19.40
CA GLY B 239 15.92 13.53 -20.17
C GLY B 239 17.32 13.23 -20.67
N ASN B 240 18.14 14.27 -20.82
CA ASN B 240 19.49 14.12 -21.35
C ASN B 240 20.51 13.79 -20.26
N SER B 241 20.23 14.23 -19.03
CA SER B 241 21.21 14.24 -17.96
C SER B 241 20.83 13.34 -16.79
N LEU B 242 19.52 13.12 -16.60
CA LEU B 242 19.02 12.23 -15.56
C LEU B 242 18.94 10.83 -16.14
N LEU B 243 20.06 10.11 -16.08
CA LEU B 243 20.30 8.93 -16.91
C LEU B 243 19.53 7.67 -16.53
N GLY B 244 18.99 7.64 -15.32
CA GLY B 244 18.13 6.52 -14.89
C GLY B 244 16.83 6.40 -15.67
N LYS B 245 16.36 7.53 -16.23
CA LYS B 245 14.99 7.67 -16.68
C LYS B 245 14.76 7.14 -18.11
N LYS B 246 15.00 7.99 -19.10
CA LYS B 246 14.77 7.60 -20.50
C LYS B 246 15.87 6.71 -21.05
N CYS B 247 17.11 7.07 -20.73
CA CYS B 247 18.30 6.34 -21.21
C CYS B 247 18.36 4.91 -20.66
N PHE B 248 18.31 4.78 -19.34
CA PHE B 248 18.36 3.51 -18.66
C PHE B 248 16.99 2.82 -18.77
N ALA B 249 15.95 3.40 -18.16
CA ALA B 249 14.70 2.69 -17.94
C ALA B 249 13.84 2.42 -19.19
N LEU B 250 14.08 3.15 -20.29
CA LEU B 250 13.45 2.84 -21.57
C LEU B 250 14.42 2.26 -22.62
N ARG B 251 15.49 2.99 -22.92
CA ARG B 251 16.37 2.56 -24.01
C ARG B 251 17.19 1.32 -23.69
N ILE B 252 18.07 1.42 -22.69
CA ILE B 252 18.85 0.27 -22.28
C ILE B 252 17.93 -0.87 -21.81
N ALA B 253 16.94 -0.54 -20.98
CA ALA B 253 16.10 -1.56 -20.34
C ALA B 253 15.24 -2.33 -21.33
N SER B 254 14.75 -1.66 -22.39
CA SER B 254 13.90 -2.35 -23.39
C SER B 254 14.68 -3.44 -24.12
N ARG B 255 15.97 -3.18 -24.34
CA ARG B 255 16.85 -4.16 -24.97
C ARG B 255 17.07 -5.34 -24.02
N LEU B 256 17.33 -5.01 -22.75
CA LEU B 256 17.48 -6.01 -21.68
C LEU B 256 16.21 -6.83 -21.52
N ALA B 257 15.07 -6.15 -21.54
CA ALA B 257 13.76 -6.78 -21.44
C ALA B 257 13.58 -7.83 -22.54
N LYS B 258 13.91 -7.45 -23.77
CA LYS B 258 13.84 -8.36 -24.91
C LYS B 258 14.72 -9.61 -24.71
N GLU B 259 15.91 -9.41 -24.17
CA GLU B 259 16.85 -10.50 -23.91
C GLU B 259 16.32 -11.44 -22.83
N GLU B 260 15.72 -10.86 -21.79
CA GLU B 260 15.45 -11.60 -20.56
C GLU B 260 14.00 -12.03 -20.37
N GLY B 261 13.11 -11.53 -21.24
CA GLY B 261 11.72 -11.98 -21.28
C GLY B 261 10.68 -11.04 -20.66
N TRP B 262 11.03 -9.78 -20.46
CA TRP B 262 10.11 -8.83 -19.84
C TRP B 262 9.88 -7.59 -20.71
N LEU B 263 9.23 -6.56 -20.18
CA LEU B 263 8.88 -5.39 -20.97
C LEU B 263 9.23 -4.08 -20.27
N ALA B 264 9.84 -3.16 -21.00
CA ALA B 264 10.12 -1.82 -20.48
C ALA B 264 9.40 -0.81 -21.35
N GLU B 265 8.43 -0.11 -20.76
CA GLU B 265 7.45 0.64 -21.56
C GLU B 265 7.20 2.06 -21.07
N HIS B 266 6.83 2.93 -22.00
CA HIS B 266 6.48 4.32 -21.73
C HIS B 266 5.04 4.38 -21.19
N MET B 267 4.82 3.76 -20.04
CA MET B 267 3.48 3.60 -19.47
C MET B 267 3.32 4.10 -18.04
N LEU B 268 2.25 4.85 -17.80
CA LEU B 268 1.76 5.10 -16.46
C LEU B 268 1.17 3.79 -15.91
N ILE B 269 1.23 3.64 -14.60
CA ILE B 269 0.54 2.57 -13.90
C ILE B 269 -0.42 3.23 -12.89
N LEU B 270 -1.69 2.84 -12.93
CA LEU B 270 -2.65 3.31 -11.93
C LEU B 270 -3.45 2.14 -11.36
N GLY B 271 -3.93 2.32 -10.13
CA GLY B 271 -4.88 1.39 -9.50
C GLY B 271 -6.25 2.01 -9.44
N ILE B 272 -7.26 1.31 -9.97
CA ILE B 272 -8.64 1.80 -9.98
C ILE B 272 -9.55 0.91 -9.14
N THR B 273 -10.38 1.55 -8.31
CA THR B 273 -11.29 0.87 -7.40
C THR B 273 -12.73 1.37 -7.63
N ASN B 274 -13.66 0.43 -7.80
CA ASN B 274 -15.07 0.77 -7.99
C ASN B 274 -15.78 0.98 -6.65
N PRO B 275 -17.05 1.46 -6.68
CA PRO B 275 -17.77 1.72 -5.42
C PRO B 275 -17.90 0.52 -4.48
N GLU B 276 -17.81 -0.69 -5.03
CA GLU B 276 -17.93 -1.92 -4.24
CA GLU B 276 -17.92 -1.94 -4.25
C GLU B 276 -16.58 -2.33 -3.62
N GLY B 277 -15.54 -1.56 -3.90
CA GLY B 277 -14.21 -1.81 -3.33
C GLY B 277 -13.32 -2.75 -4.14
N LYS B 278 -13.82 -3.21 -5.29
CA LYS B 278 -13.03 -4.04 -6.19
C LYS B 278 -12.02 -3.21 -6.97
N LYS B 279 -10.77 -3.68 -6.99
CA LYS B 279 -9.64 -2.90 -7.52
C LYS B 279 -8.93 -3.60 -8.68
N LYS B 280 -8.56 -2.83 -9.69
CA LYS B 280 -7.75 -3.32 -10.80
C LYS B 280 -6.62 -2.36 -11.12
N TYR B 281 -5.53 -2.91 -11.65
CA TYR B 281 -4.42 -2.09 -12.12
C TYR B 281 -4.35 -2.02 -13.64
N LEU B 282 -4.18 -0.80 -14.14
CA LEU B 282 -4.11 -0.54 -15.57
C LEU B 282 -2.80 0.15 -15.93
N ALA B 283 -2.26 -0.18 -17.11
CA ALA B 283 -1.12 0.56 -17.66
C ALA B 283 -1.59 1.35 -18.88
N ALA B 284 -0.99 2.51 -19.13
CA ALA B 284 -1.39 3.34 -20.27
C ALA B 284 -0.22 4.07 -20.95
N ALA B 285 -0.07 3.82 -22.25
CA ALA B 285 0.93 4.50 -23.08
C ALA B 285 0.33 5.62 -23.89
N PHE B 286 0.63 6.85 -23.49
CA PHE B 286 0.32 8.02 -24.31
C PHE B 286 1.65 8.70 -24.65
N PRO B 287 1.71 9.38 -25.80
CA PRO B 287 2.90 10.17 -26.10
C PRO B 287 3.26 11.17 -24.99
N SER B 288 4.52 11.62 -24.99
CA SER B 288 4.96 12.67 -24.08
C SER B 288 3.97 13.84 -24.09
N ALA B 289 3.67 14.36 -22.90
CA ALA B 289 2.76 15.50 -22.70
C ALA B 289 1.40 15.33 -23.41
N CYS B 290 0.82 14.15 -23.24
CA CYS B 290 -0.48 13.83 -23.82
CA CYS B 290 -0.48 13.80 -23.83
C CYS B 290 -1.44 13.28 -22.76
N GLY B 291 -1.24 13.75 -21.53
CA GLY B 291 -2.17 13.46 -20.43
C GLY B 291 -1.92 12.26 -19.53
N LYS B 292 -0.73 11.69 -19.56
CA LYS B 292 -0.39 10.54 -18.69
CA LYS B 292 -0.41 10.54 -18.70
C LYS B 292 -0.51 10.89 -17.22
N THR B 293 0.22 11.93 -16.82
CA THR B 293 0.23 12.38 -15.43
C THR B 293 -1.18 12.76 -14.94
N ASN B 294 -1.94 13.44 -15.80
CA ASN B 294 -3.34 13.77 -15.52
C ASN B 294 -4.19 12.53 -15.27
N LEU B 295 -4.00 11.49 -16.07
CA LEU B 295 -4.73 10.22 -15.89
C LEU B 295 -4.25 9.41 -14.69
N ALA B 296 -2.93 9.36 -14.47
CA ALA B 296 -2.32 8.53 -13.43
C ALA B 296 -2.69 8.97 -12.02
N MET B 297 -2.95 10.27 -11.86
CA MET B 297 -3.42 10.78 -10.57
C MET B 297 -4.73 11.54 -10.72
N MET B 298 -5.61 10.99 -11.57
CA MET B 298 -6.94 11.53 -11.80
C MET B 298 -7.77 11.63 -10.52
N ASN B 299 -8.54 12.72 -10.42
CA ASN B 299 -9.60 12.84 -9.44
C ASN B 299 -10.92 12.46 -10.14
N PRO B 300 -11.42 11.23 -9.90
CA PRO B 300 -12.61 10.75 -10.64
C PRO B 300 -13.90 11.48 -10.25
N THR B 301 -14.70 11.86 -11.25
CA THR B 301 -15.97 12.56 -11.01
C THR B 301 -17.11 11.63 -10.60
N LEU B 302 -16.97 10.33 -10.91
CA LEU B 302 -17.99 9.36 -10.54
C LEU B 302 -17.85 9.01 -9.07
N PRO B 303 -18.96 9.18 -8.30
CA PRO B 303 -18.98 8.87 -6.86
C PRO B 303 -18.66 7.40 -6.56
N GLY B 304 -17.91 7.15 -5.49
CA GLY B 304 -17.53 5.81 -5.12
C GLY B 304 -16.24 5.31 -5.76
N TRP B 305 -15.85 5.93 -6.88
CA TRP B 305 -14.63 5.53 -7.61
C TRP B 305 -13.33 6.14 -7.05
N LYS B 306 -12.29 5.31 -7.00
CA LYS B 306 -10.95 5.69 -6.54
C LYS B 306 -9.96 5.51 -7.68
N VAL B 307 -9.09 6.49 -7.88
CA VAL B 307 -7.89 6.30 -8.70
C VAL B 307 -6.66 6.52 -7.83
N GLU B 308 -5.71 5.58 -7.91
CA GLU B 308 -4.46 5.68 -7.19
C GLU B 308 -3.26 5.49 -8.10
N CYS B 309 -2.21 6.27 -7.86
CA CYS B 309 -1.06 6.37 -8.74
C CYS B 309 0.08 5.45 -8.33
N VAL B 310 0.54 4.62 -9.26
CA VAL B 310 1.74 3.82 -9.07
C VAL B 310 2.93 4.52 -9.73
N GLY B 311 2.74 4.94 -10.99
CA GLY B 311 3.72 5.76 -11.72
C GLY B 311 3.05 6.54 -12.83
N ASP B 312 3.73 7.57 -13.33
CA ASP B 312 3.16 8.43 -14.38
C ASP B 312 3.90 8.38 -15.72
N ASP B 313 4.96 7.58 -15.83
CA ASP B 313 5.83 7.63 -17.01
C ASP B 313 6.31 6.28 -17.53
N ILE B 314 6.96 5.50 -16.66
CA ILE B 314 7.65 4.27 -17.06
CA ILE B 314 7.62 4.27 -17.09
C ILE B 314 7.13 3.07 -16.28
N ALA B 315 6.98 1.95 -16.98
CA ALA B 315 6.55 0.69 -16.39
C ALA B 315 7.51 -0.41 -16.80
N TRP B 316 7.93 -1.23 -15.84
CA TRP B 316 8.70 -2.43 -16.11
C TRP B 316 7.78 -3.59 -15.77
N MET B 317 7.48 -4.43 -16.75
CA MET B 317 6.44 -5.45 -16.60
C MET B 317 6.93 -6.84 -16.96
N LYS B 318 6.57 -7.82 -16.12
CA LYS B 318 7.00 -9.20 -16.35
C LYS B 318 5.93 -10.18 -15.88
N PHE B 319 5.59 -11.15 -16.74
CA PHE B 319 4.71 -12.25 -16.34
C PHE B 319 5.42 -13.08 -15.27
N ASP B 320 4.74 -13.30 -14.14
CA ASP B 320 5.30 -14.13 -13.09
C ASP B 320 4.95 -15.62 -13.30
N ALA B 321 5.38 -16.48 -12.38
CA ALA B 321 5.13 -17.93 -12.50
C ALA B 321 3.66 -18.30 -12.58
N GLN B 322 2.79 -17.43 -12.04
CA GLN B 322 1.35 -17.64 -12.02
C GLN B 322 0.66 -17.11 -13.27
N GLY B 323 1.40 -16.33 -14.07
CA GLY B 323 0.89 -15.80 -15.33
C GLY B 323 0.35 -14.39 -15.25
N ASN B 324 0.45 -13.77 -14.08
CA ASN B 324 0.06 -12.37 -13.94
C ASN B 324 1.14 -11.47 -14.52
N LEU B 325 0.73 -10.44 -15.27
CA LEU B 325 1.65 -9.42 -15.74
C LEU B 325 1.91 -8.42 -14.61
N ARG B 326 3.09 -8.53 -14.00
CA ARG B 326 3.47 -7.69 -12.87
C ARG B 326 4.20 -6.44 -13.33
N ALA B 327 3.75 -5.27 -12.86
CA ALA B 327 4.39 -4.01 -13.21
C ALA B 327 4.97 -3.29 -12.00
N ILE B 328 6.18 -2.78 -12.16
CA ILE B 328 6.74 -1.84 -11.22
C ILE B 328 6.99 -0.49 -11.89
N ASN B 329 6.84 0.58 -11.11
CA ASN B 329 7.36 1.88 -11.43
C ASN B 329 8.85 1.87 -11.07
N PRO B 330 9.75 1.98 -12.07
CA PRO B 330 11.16 1.95 -11.71
C PRO B 330 11.66 3.31 -11.21
N GLU B 331 10.80 4.33 -11.27
CA GLU B 331 11.13 5.67 -10.81
C GLU B 331 10.77 5.85 -9.33
N ASN B 332 11.25 6.95 -8.75
CA ASN B 332 11.04 7.30 -7.35
C ASN B 332 10.29 8.62 -7.20
N GLY B 333 10.04 9.29 -8.33
CA GLY B 333 9.39 10.58 -8.33
C GLY B 333 8.68 10.90 -9.63
N PHE B 334 8.10 12.09 -9.73
CA PHE B 334 7.45 12.52 -10.97
C PHE B 334 8.20 13.72 -11.55
N PHE B 335 8.62 13.57 -12.79
CA PHE B 335 9.27 14.65 -13.54
C PHE B 335 8.28 15.14 -14.59
N GLY B 336 7.32 15.95 -14.14
CA GLY B 336 6.15 16.32 -14.94
C GLY B 336 6.23 17.67 -15.63
N VAL B 337 5.55 17.78 -16.76
CA VAL B 337 5.43 19.03 -17.50
C VAL B 337 4.60 19.99 -16.65
N ALA B 338 5.18 21.15 -16.34
CA ALA B 338 4.53 22.13 -15.49
C ALA B 338 3.34 22.84 -16.15
N PRO B 339 3.55 23.52 -17.31
CA PRO B 339 2.43 24.27 -17.90
C PRO B 339 1.19 23.41 -18.16
N GLY B 340 0.02 23.94 -17.81
CA GLY B 340 -1.25 23.23 -17.97
C GLY B 340 -1.70 22.51 -16.70
N THR B 341 -0.83 22.47 -15.70
CA THR B 341 -1.16 21.88 -14.40
C THR B 341 -1.91 22.91 -13.56
N SER B 342 -3.15 22.58 -13.21
CA SER B 342 -4.01 23.42 -12.40
C SER B 342 -4.85 22.57 -11.44
N VAL B 343 -5.62 23.23 -10.59
CA VAL B 343 -6.49 22.53 -9.64
C VAL B 343 -7.61 21.79 -10.40
N LYS B 344 -8.00 22.31 -11.55
CA LYS B 344 -8.99 21.66 -12.42
C LYS B 344 -8.42 20.46 -13.18
N THR B 345 -7.22 20.61 -13.73
CA THR B 345 -6.61 19.59 -14.59
C THR B 345 -5.94 18.47 -13.80
N ASN B 346 -5.32 18.80 -12.67
CA ASN B 346 -4.61 17.82 -11.84
C ASN B 346 -4.41 18.32 -10.41
N PRO B 347 -5.50 18.30 -9.59
CA PRO B 347 -5.43 18.76 -8.19
C PRO B 347 -4.45 17.96 -7.33
N ASN B 348 -4.29 16.67 -7.61
CA ASN B 348 -3.36 15.85 -6.84
C ASN B 348 -1.89 16.22 -7.06
N ALA B 349 -1.56 16.64 -8.29
CA ALA B 349 -0.24 17.17 -8.60
C ALA B 349 0.00 18.48 -7.86
N ILE B 350 -1.01 19.37 -7.87
CA ILE B 350 -0.93 20.66 -7.18
C ILE B 350 -0.57 20.44 -5.71
N LYS B 351 -1.22 19.46 -5.10
CA LYS B 351 -0.95 19.06 -3.73
C LYS B 351 0.47 18.52 -3.52
N THR B 352 0.94 17.68 -4.45
CA THR B 352 2.24 16.98 -4.31
C THR B 352 3.44 17.92 -4.35
N ILE B 353 3.37 18.94 -5.22
CA ILE B 353 4.53 19.74 -5.61
C ILE B 353 4.79 20.97 -4.74
N GLN B 354 4.10 21.05 -3.61
CA GLN B 354 4.22 22.21 -2.72
C GLN B 354 5.26 22.02 -1.61
N LYS B 355 5.92 20.88 -1.60
CA LYS B 355 7.07 20.66 -0.73
C LYS B 355 8.14 19.77 -1.37
N ASN B 356 9.39 19.99 -0.96
CA ASN B 356 10.54 19.20 -1.41
C ASN B 356 10.61 19.00 -2.92
N THR B 357 10.36 20.08 -3.66
CA THR B 357 10.21 19.98 -5.11
C THR B 357 11.12 20.96 -5.83
N ILE B 358 11.78 20.46 -6.87
CA ILE B 358 12.61 21.27 -7.74
C ILE B 358 11.83 21.57 -9.00
N PHE B 359 11.68 22.86 -9.29
CA PHE B 359 11.05 23.36 -10.51
C PHE B 359 12.13 23.85 -11.45
N THR B 360 11.90 23.70 -12.75
CA THR B 360 12.83 24.16 -13.77
C THR B 360 12.10 24.95 -14.85
N ASN B 361 12.54 26.18 -15.07
CA ASN B 361 12.05 27.05 -16.15
C ASN B 361 10.58 27.46 -16.04
N VAL B 362 10.09 27.60 -14.81
CA VAL B 362 8.78 28.17 -14.56
C VAL B 362 8.96 29.63 -14.17
N ALA B 363 7.86 30.37 -14.11
CA ALA B 363 7.89 31.75 -13.63
C ALA B 363 7.88 31.78 -12.11
N GLU B 364 8.41 32.85 -11.52
CA GLU B 364 8.41 33.02 -10.07
C GLU B 364 7.59 34.25 -9.69
N THR B 365 6.71 34.08 -8.72
CA THR B 365 5.92 35.19 -8.19
C THR B 365 6.71 35.95 -7.12
N SER B 366 6.31 37.20 -6.86
CA SER B 366 6.99 38.09 -5.92
CA SER B 366 7.01 38.07 -5.93
C SER B 366 7.11 37.51 -4.51
N ASP B 367 6.09 36.75 -4.11
CA ASP B 367 6.03 36.17 -2.77
C ASP B 367 6.74 34.80 -2.69
N GLY B 368 7.48 34.45 -3.75
CA GLY B 368 8.29 33.24 -3.78
C GLY B 368 7.56 32.00 -4.23
N GLY B 369 6.46 32.18 -4.97
CA GLY B 369 5.70 31.06 -5.53
C GLY B 369 6.03 30.80 -6.99
N VAL B 370 5.33 29.84 -7.60
CA VAL B 370 5.55 29.45 -8.99
C VAL B 370 4.36 29.80 -9.88
N TYR B 371 4.63 30.04 -11.16
CA TYR B 371 3.58 30.38 -12.13
C TYR B 371 3.89 29.80 -13.50
N TRP B 372 2.83 29.47 -14.24
CA TRP B 372 2.94 28.98 -15.61
C TRP B 372 1.66 29.19 -16.38
N GLU B 373 1.74 29.10 -17.70
CA GLU B 373 0.57 29.14 -18.56
C GLU B 373 -0.34 27.97 -18.18
N GLY B 374 -1.64 28.26 -18.08
CA GLY B 374 -2.62 27.23 -17.72
C GLY B 374 -2.66 26.83 -16.26
N ILE B 375 -1.97 27.59 -15.40
CA ILE B 375 -2.05 27.40 -13.94
C ILE B 375 -3.47 27.71 -13.44
N ASP B 376 -4.16 28.60 -14.16
CA ASP B 376 -5.60 28.87 -14.00
C ASP B 376 -6.03 29.26 -12.58
N GLU B 377 -5.18 30.02 -11.89
CA GLU B 377 -5.57 30.66 -10.63
C GLU B 377 -4.97 32.07 -10.50
N PRO B 378 -5.79 33.05 -10.06
CA PRO B 378 -5.36 34.44 -9.99
C PRO B 378 -4.31 34.71 -8.91
N LEU B 379 -3.58 35.80 -9.10
CA LEU B 379 -2.66 36.30 -8.08
C LEU B 379 -3.30 37.48 -7.38
N ALA B 380 -3.02 37.63 -6.09
CA ALA B 380 -3.49 38.78 -5.31
C ALA B 380 -2.94 40.07 -5.90
N PRO B 381 -3.69 41.18 -5.78
CA PRO B 381 -3.11 42.45 -6.19
C PRO B 381 -1.84 42.73 -5.39
N GLY B 382 -0.78 43.14 -6.07
CA GLY B 382 0.53 43.32 -5.45
C GLY B 382 1.56 42.31 -5.95
N VAL B 383 1.11 41.07 -6.13
CA VAL B 383 1.99 39.98 -6.55
C VAL B 383 2.37 40.11 -8.03
N THR B 384 3.67 40.27 -8.31
CA THR B 384 4.16 40.35 -9.69
C THR B 384 4.86 39.06 -10.12
N ILE B 385 5.18 38.98 -11.42
CA ILE B 385 5.76 37.77 -12.03
C ILE B 385 7.13 38.00 -12.68
N THR B 386 8.10 37.16 -12.31
CA THR B 386 9.38 37.06 -13.01
C THR B 386 9.31 35.83 -13.90
N SER B 387 9.54 36.01 -15.20
CA SER B 387 9.47 34.90 -16.16
C SER B 387 10.67 33.97 -16.02
N TRP B 388 10.60 32.82 -16.70
CA TRP B 388 11.68 31.83 -16.72
C TRP B 388 12.96 32.38 -17.36
N LYS B 389 12.85 33.57 -17.95
CA LYS B 389 13.98 34.25 -18.58
C LYS B 389 14.58 35.33 -17.68
N ASN B 390 14.24 35.26 -16.39
CA ASN B 390 14.67 36.23 -15.37
C ASN B 390 14.36 37.70 -15.72
N LYS B 391 13.15 37.93 -16.22
CA LYS B 391 12.70 39.26 -16.61
C LYS B 391 11.29 39.49 -16.08
N GLU B 392 10.94 40.76 -15.87
CA GLU B 392 9.62 41.10 -15.38
C GLU B 392 8.56 40.77 -16.44
N TRP B 393 7.38 40.38 -15.99
CA TRP B 393 6.37 39.79 -16.86
C TRP B 393 4.94 40.11 -16.44
N ARG B 394 4.12 40.44 -17.44
CA ARG B 394 2.71 40.73 -17.23
C ARG B 394 1.87 39.78 -18.08
N PRO B 395 0.65 39.40 -17.60
CA PRO B 395 -0.20 38.49 -18.37
C PRO B 395 -0.55 39.01 -19.76
N GLN B 396 -0.34 40.30 -19.99
CA GLN B 396 -0.69 40.93 -21.27
C GLN B 396 0.28 40.60 -22.42
N ASP B 397 1.59 40.60 -22.16
CA ASP B 397 2.58 40.37 -23.22
C ASP B 397 2.55 38.95 -23.80
N GLU B 398 2.86 38.87 -25.09
CA GLU B 398 2.63 37.68 -25.92
C GLU B 398 3.44 36.44 -25.50
N GLU B 399 4.71 36.65 -25.19
CA GLU B 399 5.62 35.54 -24.87
C GLU B 399 5.32 34.92 -23.49
N PRO B 400 5.24 33.57 -23.43
CA PRO B 400 4.92 32.82 -22.21
C PRO B 400 5.84 33.09 -21.02
N CYS B 401 5.28 33.07 -19.81
CA CYS B 401 6.05 33.31 -18.58
C CYS B 401 6.91 32.11 -18.20
N ALA B 402 6.44 30.93 -18.55
CA ALA B 402 7.19 29.69 -18.34
C ALA B 402 7.46 28.99 -19.67
N HIS B 403 8.63 28.37 -19.79
CA HIS B 403 8.94 27.58 -20.98
C HIS B 403 7.91 26.44 -21.11
N PRO B 404 7.45 26.15 -22.34
CA PRO B 404 6.46 25.09 -22.54
C PRO B 404 6.88 23.71 -22.01
N ASN B 405 8.18 23.40 -22.03
CA ASN B 405 8.68 22.13 -21.49
C ASN B 405 9.20 22.25 -20.06
N SER B 406 8.81 23.33 -19.37
CA SER B 406 9.19 23.53 -17.97
C SER B 406 8.65 22.41 -17.08
N ARG B 407 9.31 22.17 -15.95
CA ARG B 407 9.08 20.95 -15.18
C ARG B 407 8.97 21.15 -13.69
N PHE B 408 8.30 20.20 -13.05
CA PHE B 408 8.45 19.96 -11.61
C PHE B 408 9.08 18.59 -11.41
N CYS B 409 9.92 18.49 -10.39
CA CYS B 409 10.57 17.24 -10.04
C CYS B 409 10.23 17.00 -8.59
N THR B 410 9.40 15.99 -8.34
CA THR B 410 8.77 15.84 -7.03
C THR B 410 8.73 14.38 -6.52
N PRO B 411 8.96 14.17 -5.21
CA PRO B 411 8.91 12.81 -4.65
C PRO B 411 7.55 12.14 -4.87
N ALA B 412 7.57 10.89 -5.34
CA ALA B 412 6.33 10.11 -5.51
C ALA B 412 5.63 9.83 -4.16
N SER B 413 6.41 9.64 -3.11
CA SER B 413 5.89 9.33 -1.77
C SER B 413 4.92 10.40 -1.23
N GLN B 414 5.01 11.61 -1.79
CA GLN B 414 4.23 12.77 -1.35
C GLN B 414 2.88 12.90 -2.05
N CYS B 415 2.67 12.06 -3.07
CA CYS B 415 1.38 12.06 -3.76
C CYS B 415 0.31 11.57 -2.80
N PRO B 416 -0.74 12.40 -2.58
CA PRO B 416 -1.76 12.07 -1.60
C PRO B 416 -2.60 10.86 -2.00
N ILE B 417 -2.52 10.50 -3.28
CA ILE B 417 -3.22 9.32 -3.80
C ILE B 417 -2.23 8.26 -4.32
N ILE B 418 -0.97 8.37 -3.92
CA ILE B 418 0.02 7.33 -4.25
C ILE B 418 -0.48 5.96 -3.78
N ASP B 419 -0.36 4.97 -4.66
CA ASP B 419 -0.90 3.63 -4.42
C ASP B 419 -0.15 2.94 -3.26
N PRO B 420 -0.87 2.26 -2.36
CA PRO B 420 -0.23 1.54 -1.24
C PRO B 420 0.78 0.48 -1.67
N ALA B 421 0.63 -0.06 -2.88
CA ALA B 421 1.54 -1.06 -3.40
C ALA B 421 2.56 -0.50 -4.39
N TRP B 422 2.71 0.82 -4.44
CA TRP B 422 3.61 1.45 -5.43
C TRP B 422 5.09 1.05 -5.27
N GLU B 423 5.45 0.57 -4.08
CA GLU B 423 6.81 0.07 -3.80
C GLU B 423 6.88 -1.43 -3.55
N SER B 424 5.77 -2.13 -3.78
CA SER B 424 5.74 -3.59 -3.60
C SER B 424 6.75 -4.26 -4.53
N PRO B 425 7.65 -5.09 -3.96
CA PRO B 425 8.77 -5.62 -4.74
C PRO B 425 8.36 -6.63 -5.82
N GLU B 426 7.17 -7.21 -5.68
CA GLU B 426 6.64 -8.16 -6.67
C GLU B 426 5.93 -7.44 -7.83
N GLY B 427 5.60 -6.17 -7.61
CA GLY B 427 4.88 -5.40 -8.62
C GLY B 427 3.39 -5.59 -8.51
N VAL B 428 2.66 -4.82 -9.30
CA VAL B 428 1.20 -4.82 -9.30
C VAL B 428 0.68 -5.57 -10.55
N PRO B 429 -0.40 -6.35 -10.40
CA PRO B 429 -0.89 -7.15 -11.52
C PRO B 429 -1.73 -6.36 -12.53
N ILE B 430 -1.25 -6.33 -13.77
CA ILE B 430 -1.87 -5.51 -14.82
C ILE B 430 -2.97 -6.29 -15.55
N GLU B 431 -4.18 -5.75 -15.52
CA GLU B 431 -5.31 -6.42 -16.14
C GLU B 431 -5.78 -5.73 -17.42
N GLY B 432 -5.22 -4.56 -17.68
CA GLY B 432 -5.55 -3.78 -18.87
C GLY B 432 -4.41 -2.87 -19.30
N ILE B 433 -4.23 -2.74 -20.62
CA ILE B 433 -3.26 -1.85 -21.20
C ILE B 433 -4.01 -0.89 -22.12
N ILE B 434 -3.72 0.40 -21.97
CA ILE B 434 -4.40 1.44 -22.73
C ILE B 434 -3.45 2.21 -23.66
N PHE B 435 -3.84 2.36 -24.91
CA PHE B 435 -3.11 3.18 -25.87
C PHE B 435 -3.96 4.41 -26.23
N GLY B 436 -3.31 5.54 -26.54
CA GLY B 436 -4.04 6.73 -26.97
C GLY B 436 -3.17 7.90 -27.36
N GLY B 437 -3.77 8.83 -28.11
CA GLY B 437 -3.13 10.09 -28.52
C GLY B 437 -4.17 11.16 -28.82
N ARG B 438 -3.71 12.28 -29.37
CA ARG B 438 -4.61 13.37 -29.76
C ARG B 438 -5.07 13.17 -31.19
N ARG B 439 -6.34 12.82 -31.36
CA ARG B 439 -6.95 12.72 -32.68
C ARG B 439 -8.22 13.59 -32.74
N PRO B 440 -8.11 14.79 -33.35
CA PRO B 440 -9.27 15.69 -33.48
C PRO B 440 -10.42 15.12 -34.30
N ALA B 441 -10.14 14.13 -35.13
CA ALA B 441 -11.16 13.56 -36.01
C ALA B 441 -11.09 12.03 -36.10
N GLY B 442 -12.25 11.42 -36.34
CA GLY B 442 -12.34 10.04 -36.81
C GLY B 442 -12.23 8.92 -35.79
N VAL B 443 -11.35 9.08 -34.81
CA VAL B 443 -11.11 8.03 -33.81
C VAL B 443 -12.06 8.23 -32.62
N PRO B 444 -12.85 7.19 -32.29
CA PRO B 444 -13.84 7.32 -31.21
C PRO B 444 -13.20 7.43 -29.83
N LEU B 445 -14.01 7.84 -28.86
CA LEU B 445 -13.59 8.07 -27.49
C LEU B 445 -12.92 6.85 -26.86
N VAL B 446 -13.44 5.66 -27.16
CA VAL B 446 -12.87 4.43 -26.63
C VAL B 446 -13.24 3.21 -27.48
N TYR B 447 -12.26 2.34 -27.67
CA TYR B 447 -12.53 1.00 -28.17
C TYR B 447 -11.61 -0.06 -27.57
N GLU B 448 -12.01 -1.32 -27.71
CA GLU B 448 -11.28 -2.44 -27.19
C GLU B 448 -10.84 -3.36 -28.32
N ALA B 449 -9.56 -3.74 -28.28
CA ALA B 449 -8.95 -4.65 -29.25
C ALA B 449 -9.66 -6.01 -29.32
N LEU B 450 -9.67 -6.62 -30.51
CA LEU B 450 -10.36 -7.89 -30.75
C LEU B 450 -9.61 -9.11 -30.24
N SER B 451 -8.30 -8.97 -30.01
CA SER B 451 -7.43 -10.06 -29.60
C SER B 451 -6.10 -9.47 -29.18
N TRP B 452 -5.20 -10.30 -28.65
CA TRP B 452 -3.85 -9.84 -28.31
C TRP B 452 -3.12 -9.31 -29.54
N GLN B 453 -3.15 -10.09 -30.62
CA GLN B 453 -2.47 -9.74 -31.87
CA GLN B 453 -2.47 -9.73 -31.86
C GLN B 453 -3.01 -8.42 -32.43
N HIS B 454 -4.33 -8.24 -32.36
CA HIS B 454 -4.96 -6.98 -32.74
C HIS B 454 -4.54 -5.83 -31.81
N GLY B 455 -4.46 -6.11 -30.51
CA GLY B 455 -4.01 -5.12 -29.53
C GLY B 455 -2.60 -4.62 -29.79
N VAL B 456 -1.72 -5.54 -30.20
CA VAL B 456 -0.35 -5.20 -30.58
C VAL B 456 -0.38 -4.29 -31.83
N PHE B 457 -1.22 -4.63 -32.81
CA PHE B 457 -1.40 -3.78 -33.99
C PHE B 457 -1.88 -2.37 -33.64
N VAL B 458 -2.83 -2.28 -32.72
CA VAL B 458 -3.35 -0.98 -32.24
C VAL B 458 -2.23 -0.13 -31.64
N GLY B 459 -1.39 -0.75 -30.81
CA GLY B 459 -0.19 -0.09 -30.28
C GLY B 459 0.71 0.40 -31.40
N ALA B 460 1.00 -0.51 -32.33
CA ALA B 460 1.87 -0.22 -33.48
C ALA B 460 1.35 0.93 -34.33
N ALA B 461 0.02 1.07 -34.39
CA ALA B 461 -0.65 2.01 -35.30
C ALA B 461 -0.89 3.39 -34.67
N MET B 462 -0.53 3.55 -33.40
CA MET B 462 -0.77 4.80 -32.69
C MET B 462 -0.30 6.05 -33.44
N ARG B 463 -1.17 7.05 -33.47
CA ARG B 463 -0.87 8.35 -34.06
C ARG B 463 -1.39 9.47 -33.16
N SER B 464 -0.73 10.63 -33.20
CA SER B 464 -1.07 11.74 -32.33
C SER B 464 -0.71 13.09 -32.95
N GLU B 465 -1.57 14.08 -32.72
CA GLU B 465 -1.38 15.45 -33.18
C GLU B 465 -0.26 16.13 -32.39
N ALA B 466 0.64 16.80 -33.12
CA ALA B 466 1.79 17.47 -32.51
C ALA B 466 1.46 18.92 -32.14
N LYS B 475 -1.30 21.89 -38.23
CA LYS B 475 -1.21 20.70 -37.38
C LYS B 475 -0.77 19.46 -38.16
N VAL B 476 0.00 18.60 -37.49
CA VAL B 476 0.54 17.38 -38.08
C VAL B 476 0.18 16.17 -37.22
N ILE B 477 -0.30 15.11 -37.87
CA ILE B 477 -0.59 13.86 -37.16
C ILE B 477 0.63 12.96 -37.34
N MET B 478 1.45 12.87 -36.29
CA MET B 478 2.65 12.03 -36.36
CA MET B 478 2.66 12.05 -36.30
C MET B 478 2.39 10.62 -35.82
N HIS B 479 3.18 9.67 -36.29
CA HIS B 479 3.14 8.31 -35.79
C HIS B 479 3.97 8.23 -34.51
N ASP B 480 3.44 7.54 -33.50
CA ASP B 480 4.16 7.29 -32.25
C ASP B 480 3.79 5.90 -31.70
N PRO B 481 4.26 4.82 -32.37
CA PRO B 481 3.87 3.47 -31.96
C PRO B 481 4.23 3.17 -30.49
N PHE B 482 3.23 2.74 -29.72
CA PHE B 482 3.38 2.39 -28.31
C PHE B 482 3.81 3.59 -27.42
N ALA B 483 3.74 4.80 -27.97
CA ALA B 483 4.33 6.00 -27.34
C ALA B 483 5.84 5.90 -27.13
N MET B 484 6.48 5.02 -27.90
CA MET B 484 7.89 4.68 -27.73
C MET B 484 8.82 5.17 -28.84
N ARG B 485 8.28 5.92 -29.80
CA ARG B 485 9.08 6.34 -30.97
C ARG B 485 10.47 6.91 -30.63
N PRO B 486 10.55 7.85 -29.66
CA PRO B 486 11.86 8.39 -29.27
C PRO B 486 12.66 7.49 -28.33
N PHE B 487 12.12 6.34 -27.96
CA PHE B 487 12.63 5.57 -26.83
C PHE B 487 13.00 4.10 -27.08
N PHE B 488 12.80 3.60 -28.30
CA PHE B 488 13.17 2.21 -28.61
C PHE B 488 14.65 1.97 -28.41
N GLY B 489 14.98 0.95 -27.64
CA GLY B 489 16.38 0.59 -27.41
C GLY B 489 16.94 -0.34 -28.48
N TYR B 490 16.08 -0.77 -29.40
CA TYR B 490 16.42 -1.74 -30.45
C TYR B 490 15.35 -1.75 -31.55
N ASN B 491 15.60 -2.53 -32.59
CA ASN B 491 14.71 -2.73 -33.74
C ASN B 491 13.23 -2.89 -33.36
N PHE B 492 12.40 -1.94 -33.81
CA PHE B 492 10.95 -1.91 -33.55
C PHE B 492 10.20 -3.12 -34.08
N GLY B 493 10.61 -3.61 -35.26
CA GLY B 493 10.11 -4.91 -35.75
C GLY B 493 10.29 -6.03 -34.74
N LYS B 494 11.50 -6.16 -34.18
CA LYS B 494 11.80 -7.18 -33.14
C LYS B 494 11.05 -6.92 -31.82
N TYR B 495 10.84 -5.64 -31.52
CA TYR B 495 10.02 -5.21 -30.38
C TYR B 495 8.58 -5.73 -30.53
N LEU B 496 8.01 -5.59 -31.73
CA LEU B 496 6.68 -6.11 -32.05
C LEU B 496 6.61 -7.63 -31.92
N ALA B 497 7.62 -8.32 -32.46
CA ALA B 497 7.72 -9.76 -32.33
C ALA B 497 7.78 -10.19 -30.86
N HIS B 498 8.49 -9.41 -30.05
CA HIS B 498 8.61 -9.63 -28.62
C HIS B 498 7.24 -9.52 -27.92
N TRP B 499 6.52 -8.44 -28.19
CA TRP B 499 5.13 -8.26 -27.73
C TRP B 499 4.24 -9.42 -28.14
N LEU B 500 4.30 -9.81 -29.41
CA LEU B 500 3.49 -10.93 -29.93
C LEU B 500 3.80 -12.26 -29.26
N SER B 501 5.07 -12.51 -28.95
CA SER B 501 5.52 -13.76 -28.33
C SER B 501 4.90 -14.01 -26.95
N MET B 502 4.48 -12.94 -26.29
CA MET B 502 3.82 -13.03 -24.98
C MET B 502 2.59 -13.96 -25.01
N ALA B 503 1.91 -13.99 -26.16
CA ALA B 503 0.72 -14.85 -26.35
C ALA B 503 1.03 -16.35 -26.31
N HIS B 504 2.26 -16.73 -26.63
CA HIS B 504 2.66 -18.14 -26.64
C HIS B 504 3.35 -18.60 -25.35
N ARG B 505 3.46 -17.66 -24.41
CA ARG B 505 4.04 -17.92 -23.09
C ARG B 505 3.09 -18.80 -22.28
N PRO B 506 3.63 -19.82 -21.57
CA PRO B 506 2.81 -20.71 -20.72
C PRO B 506 2.06 -19.96 -19.61
N ALA B 507 0.73 -20.07 -19.63
CA ALA B 507 -0.14 -19.59 -18.54
C ALA B 507 -0.31 -18.07 -18.45
N ALA B 508 0.28 -17.34 -19.38
CA ALA B 508 0.20 -15.87 -19.40
C ALA B 508 -1.26 -15.41 -19.41
N LYS B 509 -1.59 -14.53 -18.48
CA LYS B 509 -2.90 -13.88 -18.44
C LYS B 509 -2.77 -12.57 -19.19
N LEU B 510 -3.04 -12.61 -20.49
CA LEU B 510 -2.91 -11.44 -21.35
C LEU B 510 -3.96 -10.38 -20.98
N PRO B 511 -3.51 -9.14 -20.71
CA PRO B 511 -4.47 -8.12 -20.32
C PRO B 511 -5.29 -7.72 -21.52
N LYS B 512 -6.48 -7.18 -21.25
CA LYS B 512 -7.30 -6.58 -22.28
C LYS B 512 -6.63 -5.30 -22.77
N ILE B 513 -6.69 -5.05 -24.07
CA ILE B 513 -6.09 -3.86 -24.67
C ILE B 513 -7.17 -2.91 -25.16
N PHE B 514 -7.05 -1.64 -24.75
CA PHE B 514 -7.99 -0.59 -25.14
C PHE B 514 -7.24 0.54 -25.84
N HIS B 515 -7.96 1.32 -26.64
CA HIS B 515 -7.45 2.57 -27.21
C HIS B 515 -8.41 3.70 -26.85
N VAL B 516 -7.88 4.85 -26.47
CA VAL B 516 -8.70 6.02 -26.09
C VAL B 516 -8.37 7.27 -26.91
N ASN B 517 -9.35 8.18 -27.00
CA ASN B 517 -9.18 9.50 -27.64
C ASN B 517 -9.96 10.56 -26.87
N TRP B 518 -9.25 11.37 -26.07
CA TRP B 518 -9.90 12.42 -25.30
C TRP B 518 -10.12 13.68 -26.14
N PHE B 519 -9.50 13.72 -27.31
CA PHE B 519 -9.29 14.97 -28.04
C PHE B 519 -10.12 15.14 -29.33
N ARG B 520 -11.17 14.34 -29.50
CA ARG B 520 -12.00 14.42 -30.70
C ARG B 520 -12.81 15.71 -30.69
N LYS B 521 -12.90 16.33 -31.87
CA LYS B 521 -13.55 17.63 -32.04
C LYS B 521 -14.64 17.56 -33.11
N ASP B 522 -15.65 18.41 -32.95
CA ASP B 522 -16.68 18.59 -33.98
C ASP B 522 -16.15 19.47 -35.11
N LYS B 523 -16.98 19.77 -36.10
CA LYS B 523 -16.56 20.55 -37.27
C LYS B 523 -16.26 22.02 -36.96
N ASN B 524 -16.53 22.44 -35.71
CA ASN B 524 -16.26 23.81 -35.28
C ASN B 524 -15.06 23.93 -34.33
N GLY B 525 -14.30 22.84 -34.20
CA GLY B 525 -13.10 22.82 -33.37
C GLY B 525 -13.38 22.56 -31.90
N LYS B 526 -14.65 22.41 -31.55
CA LYS B 526 -15.05 22.17 -30.17
C LYS B 526 -14.80 20.73 -29.77
N PHE B 527 -14.20 20.54 -28.59
CA PHE B 527 -14.00 19.21 -28.02
C PHE B 527 -15.34 18.53 -27.72
N LEU B 528 -15.42 17.24 -28.05
CA LEU B 528 -16.65 16.46 -27.83
C LEU B 528 -16.72 15.85 -26.43
N TRP B 529 -15.56 15.70 -25.80
CA TRP B 529 -15.47 15.08 -24.48
C TRP B 529 -14.88 16.06 -23.48
N PRO B 530 -15.57 16.26 -22.33
CA PRO B 530 -15.08 17.16 -21.26
C PRO B 530 -13.72 16.74 -20.69
N GLY B 531 -13.44 15.44 -20.68
CA GLY B 531 -12.14 14.93 -20.21
C GLY B 531 -11.89 15.11 -18.72
N PHE B 532 -10.60 15.12 -18.35
CA PHE B 532 -10.16 15.11 -16.95
C PHE B 532 -10.87 14.03 -16.12
N GLY B 533 -11.42 14.39 -14.97
CA GLY B 533 -12.08 13.44 -14.07
C GLY B 533 -13.26 12.70 -14.66
N GLU B 534 -13.80 13.24 -15.76
CA GLU B 534 -14.88 12.59 -16.48
C GLU B 534 -14.37 11.40 -17.28
N ASN B 535 -13.04 11.28 -17.38
CA ASN B 535 -12.44 10.10 -18.01
C ASN B 535 -12.64 8.83 -17.18
N SER B 536 -13.05 9.01 -15.92
CA SER B 536 -13.41 7.90 -15.03
C SER B 536 -14.62 7.12 -15.53
N ARG B 537 -15.44 7.76 -16.35
CA ARG B 537 -16.60 7.12 -16.98
C ARG B 537 -16.12 6.10 -18.03
N VAL B 538 -15.07 6.46 -18.77
CA VAL B 538 -14.44 5.54 -19.71
C VAL B 538 -13.72 4.39 -18.98
N LEU B 539 -13.02 4.70 -17.90
CA LEU B 539 -12.33 3.66 -17.12
C LEU B 539 -13.30 2.65 -16.49
N GLU B 540 -14.48 3.12 -16.10
CA GLU B 540 -15.53 2.25 -15.59
C GLU B 540 -15.92 1.20 -16.63
N TRP B 541 -16.11 1.62 -17.88
CA TRP B 541 -16.45 0.72 -18.96
C TRP B 541 -15.37 -0.36 -19.16
N MET B 542 -14.11 0.07 -19.17
CA MET B 542 -12.96 -0.85 -19.27
C MET B 542 -12.97 -1.88 -18.13
N PHE B 543 -13.23 -1.39 -16.92
CA PHE B 543 -13.29 -2.22 -15.71
C PHE B 543 -14.33 -3.33 -15.89
N GLY B 544 -15.53 -2.96 -16.36
CA GLY B 544 -16.62 -3.91 -16.56
C GLY B 544 -16.32 -4.93 -17.62
N ARG B 545 -15.66 -4.48 -18.69
CA ARG B 545 -15.26 -5.36 -19.79
C ARG B 545 -14.22 -6.40 -19.35
N ILE B 546 -13.23 -5.97 -18.55
CA ILE B 546 -12.28 -6.89 -17.93
C ILE B 546 -13.01 -7.95 -17.10
N GLU B 547 -14.06 -7.55 -16.41
CA GLU B 547 -14.87 -8.45 -15.57
C GLU B 547 -15.72 -9.45 -16.34
N GLY B 548 -15.97 -9.14 -17.62
CA GLY B 548 -16.71 -10.04 -18.51
C GLY B 548 -18.11 -9.56 -18.86
N GLU B 549 -18.39 -8.30 -18.58
CA GLU B 549 -19.70 -7.70 -18.82
C GLU B 549 -20.00 -7.55 -20.30
N ASP B 550 -21.26 -7.79 -20.64
CA ASP B 550 -21.75 -7.78 -22.01
C ASP B 550 -22.15 -6.35 -22.43
N SER B 551 -21.17 -5.46 -22.36
CA SER B 551 -21.39 -4.03 -22.54
C SER B 551 -20.75 -3.49 -23.82
N ALA B 552 -20.31 -4.41 -24.68
CA ALA B 552 -19.61 -4.06 -25.92
C ALA B 552 -20.38 -4.42 -27.18
N LYS B 553 -20.23 -3.57 -28.20
CA LYS B 553 -20.75 -3.78 -29.54
C LYS B 553 -19.56 -3.85 -30.50
N LEU B 554 -19.58 -4.83 -31.40
CA LEU B 554 -18.52 -5.04 -32.37
C LEU B 554 -18.61 -4.04 -33.53
N THR B 555 -17.49 -3.41 -33.85
CA THR B 555 -17.35 -2.53 -35.04
C THR B 555 -16.12 -2.97 -35.85
N PRO B 556 -15.91 -2.40 -37.06
CA PRO B 556 -14.71 -2.73 -37.83
C PRO B 556 -13.36 -2.47 -37.13
N ILE B 557 -13.33 -1.56 -36.15
CA ILE B 557 -12.09 -1.20 -35.47
C ILE B 557 -11.91 -1.90 -34.11
N GLY B 558 -12.94 -2.61 -33.67
CA GLY B 558 -12.92 -3.27 -32.36
C GLY B 558 -14.23 -3.08 -31.62
N TYR B 559 -14.25 -3.47 -30.34
CA TYR B 559 -15.44 -3.29 -29.51
C TYR B 559 -15.56 -1.85 -29.01
N VAL B 560 -16.78 -1.33 -29.05
CA VAL B 560 -17.10 -0.02 -28.46
C VAL B 560 -18.22 -0.23 -27.44
N PRO B 561 -18.42 0.74 -26.53
CA PRO B 561 -19.59 0.69 -25.64
C PRO B 561 -20.92 0.57 -26.38
N LYS B 562 -21.79 -0.31 -25.90
CA LYS B 562 -23.19 -0.35 -26.34
C LYS B 562 -23.86 0.99 -26.03
N GLU B 563 -25.00 1.25 -26.68
CA GLU B 563 -25.85 2.35 -26.30
C GLU B 563 -26.23 2.20 -24.83
N ASP B 564 -26.16 3.31 -24.10
CA ASP B 564 -26.53 3.37 -22.68
C ASP B 564 -25.54 2.65 -21.75
N ALA B 565 -24.49 2.04 -22.34
CA ALA B 565 -23.46 1.34 -21.56
C ALA B 565 -22.58 2.30 -20.75
N LEU B 566 -22.21 3.43 -21.36
CA LEU B 566 -21.46 4.49 -20.65
C LEU B 566 -22.33 5.31 -19.71
N ASN B 567 -21.82 5.50 -18.48
CA ASN B 567 -22.45 6.38 -17.51
C ASN B 567 -22.17 7.83 -17.93
N LEU B 568 -23.18 8.46 -18.54
CA LEU B 568 -23.04 9.81 -19.09
C LEU B 568 -23.92 10.85 -18.39
N LYS B 569 -24.53 10.45 -17.27
CA LYS B 569 -25.42 11.33 -16.53
C LYS B 569 -24.64 12.46 -15.87
N GLY B 570 -25.19 13.66 -15.91
CA GLY B 570 -24.55 14.84 -15.35
C GLY B 570 -23.82 15.69 -16.38
N LEU B 571 -23.47 15.07 -17.51
CA LEU B 571 -22.86 15.78 -18.63
C LEU B 571 -23.96 16.23 -19.58
N GLY B 572 -24.74 15.25 -20.04
CA GLY B 572 -25.92 15.49 -20.86
C GLY B 572 -25.61 15.94 -22.27
N ASP B 573 -25.00 17.12 -22.39
CA ASP B 573 -24.70 17.72 -23.69
C ASP B 573 -23.50 17.05 -24.39
N VAL B 574 -23.37 15.74 -24.18
CA VAL B 574 -22.39 14.93 -24.89
C VAL B 574 -23.02 14.31 -26.14
N ASN B 575 -22.39 14.56 -27.28
CA ASN B 575 -22.86 14.04 -28.56
C ASN B 575 -22.23 12.68 -28.80
N VAL B 576 -22.96 11.62 -28.40
CA VAL B 576 -22.41 10.26 -28.44
C VAL B 576 -22.26 9.69 -29.86
N GLU B 577 -23.17 10.10 -30.75
CA GLU B 577 -23.14 9.67 -32.15
C GLU B 577 -21.90 10.24 -32.85
N GLU B 578 -21.54 11.47 -32.50
CA GLU B 578 -20.35 12.11 -33.03
C GLU B 578 -19.08 11.60 -32.32
N LEU B 579 -19.18 11.40 -31.01
CA LEU B 579 -18.07 10.84 -30.21
C LEU B 579 -17.65 9.45 -30.69
N PHE B 580 -18.62 8.60 -30.98
CA PHE B 580 -18.36 7.21 -31.30
C PHE B 580 -18.56 6.85 -32.77
N GLY B 581 -18.89 7.86 -33.58
CA GLY B 581 -19.03 7.69 -35.02
C GLY B 581 -17.79 7.14 -35.70
N ILE B 582 -18.01 6.18 -36.59
CA ILE B 582 -16.96 5.53 -37.36
CA ILE B 582 -16.95 5.57 -37.37
C ILE B 582 -17.24 5.78 -38.85
N SER B 583 -16.33 6.50 -39.51
CA SER B 583 -16.49 6.81 -40.92
C SER B 583 -15.68 5.83 -41.76
N LYS B 584 -16.31 5.28 -42.80
CA LYS B 584 -15.61 4.44 -43.78
C LYS B 584 -14.53 5.25 -44.48
N GLU B 585 -14.88 6.47 -44.86
CA GLU B 585 -13.98 7.39 -45.55
C GLU B 585 -12.73 7.68 -44.71
N PHE B 586 -12.93 8.02 -43.44
CA PHE B 586 -11.81 8.28 -42.53
C PHE B 586 -10.93 7.05 -42.36
N TRP B 587 -11.56 5.90 -42.18
CA TRP B 587 -10.84 4.70 -41.82
C TRP B 587 -10.14 4.05 -43.01
N GLU B 588 -10.69 4.25 -44.21
CA GLU B 588 -9.98 3.92 -45.45
C GLU B 588 -8.66 4.68 -45.53
N LYS B 589 -8.74 6.00 -45.36
CA LYS B 589 -7.55 6.85 -45.32
C LYS B 589 -6.61 6.42 -44.18
N GLU B 590 -7.19 6.11 -43.01
CA GLU B 590 -6.37 5.69 -41.86
C GLU B 590 -5.56 4.42 -42.12
N VAL B 591 -6.18 3.35 -42.63
CA VAL B 591 -5.43 2.14 -42.95
C VAL B 591 -4.33 2.37 -43.99
N GLU B 592 -4.62 3.18 -45.00
CA GLU B 592 -3.62 3.48 -46.03
CA GLU B 592 -3.63 3.50 -46.02
C GLU B 592 -2.38 4.11 -45.40
N GLU B 593 -2.59 5.06 -44.48
CA GLU B 593 -1.47 5.73 -43.81
C GLU B 593 -0.69 4.79 -42.89
N ILE B 594 -1.41 3.93 -42.16
CA ILE B 594 -0.78 2.89 -41.34
C ILE B 594 0.03 1.93 -42.22
N ASP B 595 -0.56 1.50 -43.34
CA ASP B 595 0.10 0.60 -44.30
C ASP B 595 1.40 1.21 -44.82
N LYS B 596 1.31 2.43 -45.33
CA LYS B 596 2.47 3.14 -45.87
C LYS B 596 3.58 3.28 -44.82
N TYR B 597 3.19 3.64 -43.60
CA TYR B 597 4.11 3.81 -42.48
C TYR B 597 4.83 2.51 -42.12
N LEU B 598 4.07 1.46 -41.85
CA LEU B 598 4.65 0.17 -41.46
C LEU B 598 5.53 -0.43 -42.57
N GLU B 599 5.10 -0.30 -43.82
CA GLU B 599 5.88 -0.78 -44.97
C GLU B 599 7.23 -0.09 -45.06
N ASP B 600 7.23 1.24 -45.00
CA ASP B 600 8.46 2.02 -45.11
C ASP B 600 9.30 1.79 -43.86
N GLN B 601 8.71 1.98 -42.69
CA GLN B 601 9.46 2.14 -41.46
C GLN B 601 9.90 0.83 -40.78
N VAL B 602 9.12 -0.23 -40.97
CA VAL B 602 9.44 -1.54 -40.36
C VAL B 602 9.95 -2.52 -41.44
N ASN B 603 9.42 -2.38 -42.65
CA ASN B 603 9.91 -3.06 -43.84
C ASN B 603 10.09 -4.57 -43.65
N ALA B 604 11.33 -5.07 -43.81
CA ALA B 604 11.58 -6.51 -43.70
C ALA B 604 11.38 -7.10 -42.30
N ASP B 605 11.32 -6.25 -41.28
CA ASP B 605 11.17 -6.72 -39.89
C ASP B 605 9.74 -6.67 -39.36
N LEU B 606 8.79 -6.35 -40.23
CA LEU B 606 7.38 -6.31 -39.85
C LEU B 606 6.89 -7.74 -39.66
N PRO B 607 6.46 -8.07 -38.43
CA PRO B 607 5.99 -9.44 -38.21
C PRO B 607 4.72 -9.77 -39.01
N TYR B 608 4.62 -11.03 -39.44
CA TYR B 608 3.48 -11.57 -40.20
C TYR B 608 2.14 -11.23 -39.57
N GLU B 609 2.06 -11.44 -38.26
CA GLU B 609 0.83 -11.20 -37.49
CA GLU B 609 0.84 -11.20 -37.48
C GLU B 609 0.35 -9.75 -37.56
N ILE B 610 1.29 -8.81 -37.55
CA ILE B 610 0.95 -7.39 -37.65
C ILE B 610 0.44 -7.05 -39.05
N GLU B 611 1.16 -7.52 -40.06
CA GLU B 611 0.73 -7.46 -41.46
C GLU B 611 -0.68 -8.03 -41.65
N ARG B 612 -0.96 -9.13 -40.96
CA ARG B 612 -2.25 -9.80 -41.05
C ARG B 612 -3.36 -8.93 -40.44
N GLU B 613 -3.09 -8.35 -39.26
CA GLU B 613 -4.04 -7.45 -38.60
C GLU B 613 -4.38 -6.25 -39.48
N LEU B 614 -3.37 -5.72 -40.15
CA LEU B 614 -3.55 -4.62 -41.09
C LEU B 614 -4.50 -5.04 -42.22
N ARG B 615 -4.20 -6.19 -42.85
CA ARG B 615 -5.05 -6.77 -43.89
C ARG B 615 -6.48 -6.94 -43.38
N ALA B 616 -6.63 -7.54 -42.20
CA ALA B 616 -7.93 -7.77 -41.58
C ALA B 616 -8.73 -6.50 -41.35
N LEU B 617 -8.07 -5.46 -40.84
CA LEU B 617 -8.74 -4.17 -40.62
C LEU B 617 -9.17 -3.53 -41.95
N LYS B 618 -8.28 -3.57 -42.94
CA LYS B 618 -8.57 -3.06 -44.28
CA LYS B 618 -8.57 -3.06 -44.28
C LYS B 618 -9.84 -3.71 -44.86
N GLN B 619 -9.96 -5.03 -44.68
CA GLN B 619 -11.10 -5.79 -45.18
C GLN B 619 -12.41 -5.46 -44.44
N ARG B 620 -12.34 -5.31 -43.11
CA ARG B 620 -13.52 -4.94 -42.31
C ARG B 620 -14.05 -3.56 -42.70
N ILE B 621 -13.13 -2.63 -42.94
CA ILE B 621 -13.46 -1.29 -43.43
C ILE B 621 -14.06 -1.32 -44.84
N SER B 622 -13.53 -2.16 -45.71
CA SER B 622 -14.05 -2.32 -47.07
C SER B 622 -15.49 -2.84 -47.09
N GLN B 623 -15.88 -3.54 -46.03
CA GLN B 623 -17.23 -4.14 -45.96
C GLN B 623 -18.30 -3.23 -45.34
N MET B 624 -17.91 -2.01 -44.97
CA MET B 624 -18.84 -1.02 -44.40
C MET B 624 -19.83 -0.49 -45.44
#